data_5DBK
#
_entry.id   5DBK
#
_cell.length_a   67.789
_cell.length_b   105.337
_cell.length_c   177.068
_cell.angle_alpha   90.00
_cell.angle_beta   90.00
_cell.angle_gamma   90.00
#
_symmetry.space_group_name_H-M   'P 21 21 21'
#
_entity_poly.entity_id   1
_entity_poly.type   'polypeptide(L)'
_entity_poly.pdbx_seq_one_letter_code
;MAVTDLRDVEEDVKGKLDEWLNALVHLDKQQVERIYEELQGEMKHVLDFEIINYYKLLYTRYLIMKRDISALEEELDKLK
KVYKKYSPFQKLLYMYGRGLLCCLQYRWKDGLDYLLKTEVMAKEQGYHETGLYYNIALAYTHLDIHHLAIHFVNMALEGF
RSEAKARNIINCQILIAVSYTEKGQYEEALKMYESILREATSFADKDVLLAITLSNMGSIYYKKGKYQQAKKYYLDSLQL
QKQIDLNYLDTIYEMALVCIKLEELEEARTLIDKGIDAAKQEERFNAKLYLLLMLRYKYFEEAKDYKAFLENEAIPLYKS
AGNKIELKKVYVELAEHFSSLSRFEESNRYYRLVIDLMNDNKEERSHHHHHH
;
_entity_poly.pdbx_strand_id   A,B
#
# COMPACT_ATOMS: atom_id res chain seq x y z
N ASP A 5 -21.09 10.58 46.55
CA ASP A 5 -20.45 9.30 46.82
C ASP A 5 -19.53 8.88 45.67
N LEU A 6 -18.90 7.72 45.82
CA LEU A 6 -17.92 7.23 44.85
C LEU A 6 -18.52 6.99 43.47
N ARG A 7 -19.80 6.65 43.44
CA ARG A 7 -20.48 6.30 42.20
C ARG A 7 -20.60 7.49 41.25
N ASP A 8 -20.97 8.65 41.79
CA ASP A 8 -21.12 9.84 40.96
C ASP A 8 -19.77 10.46 40.64
N VAL A 9 -18.76 10.14 41.43
CA VAL A 9 -17.40 10.59 41.16
C VAL A 9 -16.93 10.05 39.81
N GLU A 10 -17.23 8.77 39.57
CA GLU A 10 -16.82 8.11 38.34
C GLU A 10 -17.66 8.55 37.15
N GLU A 11 -18.95 8.77 37.38
CA GLU A 11 -19.87 9.20 36.33
C GLU A 11 -19.44 10.52 35.71
N ASP A 12 -18.86 11.40 36.53
CA ASP A 12 -18.36 12.67 36.04
C ASP A 12 -17.00 12.50 35.38
N VAL A 13 -16.22 11.55 35.87
CA VAL A 13 -14.90 11.25 35.31
C VAL A 13 -15.04 10.68 33.90
N LYS A 14 -16.00 9.78 33.71
CA LYS A 14 -16.29 9.21 32.40
C LYS A 14 -16.66 10.31 31.42
N GLY A 15 -17.46 11.28 31.88
CA GLY A 15 -17.83 12.41 31.07
C GLY A 15 -16.62 13.25 30.73
N LYS A 16 -15.76 13.46 31.73
CA LYS A 16 -14.54 14.25 31.55
C LYS A 16 -13.51 13.49 30.71
N LEU A 17 -13.57 12.17 30.75
CA LEU A 17 -12.70 11.35 29.91
C LEU A 17 -13.12 11.42 28.45
N ASP A 18 -14.42 11.45 28.21
CA ASP A 18 -14.95 11.57 26.85
C ASP A 18 -14.63 12.95 26.27
N GLU A 19 -14.58 13.95 27.14
CA GLU A 19 -14.20 15.30 26.72
C GLU A 19 -12.72 15.36 26.37
N TRP A 20 -11.91 14.63 27.12
CA TRP A 20 -10.48 14.58 26.89
C TRP A 20 -10.19 13.90 25.56
N LEU A 21 -11.07 12.97 25.19
CA LEU A 21 -10.95 12.25 23.93
C LEU A 21 -11.05 13.19 22.73
N ASN A 22 -12.14 13.93 22.67
CA ASN A 22 -12.39 14.85 21.57
C ASN A 22 -11.33 15.94 21.46
N ALA A 23 -10.75 16.31 22.60
CA ALA A 23 -9.65 17.27 22.60
C ALA A 23 -8.39 16.64 22.02
N LEU A 24 -8.25 15.33 22.22
CA LEU A 24 -7.10 14.59 21.70
C LEU A 24 -7.27 14.21 20.23
N VAL A 25 -8.52 14.20 19.78
CA VAL A 25 -8.82 13.93 18.38
C VAL A 25 -8.74 15.20 17.55
N HIS A 26 -9.32 16.28 18.07
CA HIS A 26 -9.33 17.56 17.38
C HIS A 26 -8.08 18.38 17.70
N LEU A 27 -7.17 17.78 18.46
CA LEU A 27 -5.86 18.36 18.77
C LEU A 27 -5.94 19.75 19.40
N ASP A 28 -6.79 19.90 20.41
CA ASP A 28 -6.88 21.13 21.18
C ASP A 28 -5.90 21.09 22.34
N LYS A 29 -4.67 21.51 22.07
CA LYS A 29 -3.57 21.40 23.04
C LYS A 29 -3.87 22.05 24.39
N GLN A 30 -4.39 23.28 24.36
CA GLN A 30 -4.69 24.01 25.59
C GLN A 30 -5.83 23.34 26.36
N GLN A 31 -6.71 22.64 25.66
CA GLN A 31 -7.82 21.94 26.30
C GLN A 31 -7.40 20.57 26.79
N VAL A 32 -6.48 19.95 26.06
CA VAL A 32 -5.93 18.65 26.46
C VAL A 32 -5.18 18.77 27.77
N GLU A 33 -4.26 19.72 27.84
CA GLU A 33 -3.48 19.97 29.04
C GLU A 33 -4.37 20.32 30.22
N ARG A 34 -5.45 21.04 29.94
CA ARG A 34 -6.40 21.44 30.97
C ARG A 34 -7.07 20.24 31.60
N ILE A 35 -7.68 19.40 30.78
CA ILE A 35 -8.37 18.22 31.27
C ILE A 35 -7.39 17.24 31.90
N TYR A 36 -6.19 17.18 31.34
CA TYR A 36 -5.15 16.28 31.83
C TYR A 36 -4.79 16.53 33.28
N GLU A 37 -4.50 17.78 33.63
CA GLU A 37 -4.14 18.11 35.00
C GLU A 37 -5.34 17.97 35.93
N GLU A 38 -6.54 18.19 35.39
CA GLU A 38 -7.75 18.06 36.18
C GLU A 38 -8.02 16.61 36.52
N LEU A 39 -7.74 15.72 35.57
CA LEU A 39 -7.99 14.29 35.75
C LEU A 39 -7.11 13.66 36.81
N GLN A 40 -5.86 14.11 36.87
CA GLN A 40 -4.90 13.56 37.82
C GLN A 40 -5.36 13.70 39.27
N GLY A 41 -6.12 14.76 39.55
CA GLY A 41 -6.66 14.97 40.87
C GLY A 41 -7.97 14.24 41.09
N GLU A 42 -8.49 13.66 40.02
CA GLU A 42 -9.78 12.97 40.08
C GLU A 42 -9.63 11.48 39.82
N MET A 43 -8.60 11.11 39.05
CA MET A 43 -8.38 9.72 38.67
C MET A 43 -7.93 8.85 39.84
N LYS A 44 -7.47 9.48 40.91
CA LYS A 44 -7.04 8.74 42.09
C LYS A 44 -8.21 8.44 43.01
N HIS A 45 -9.40 8.89 42.61
CA HIS A 45 -10.62 8.62 43.36
C HIS A 45 -11.38 7.45 42.76
N VAL A 46 -11.40 7.40 41.44
CA VAL A 46 -12.04 6.31 40.71
C VAL A 46 -11.19 5.04 40.80
N LEU A 47 -11.84 3.89 40.85
CA LEU A 47 -11.12 2.62 40.90
C LEU A 47 -11.69 1.59 39.92
N ASP A 48 -12.69 1.99 39.14
CA ASP A 48 -13.32 1.08 38.18
C ASP A 48 -12.32 0.63 37.13
N PHE A 49 -12.23 -0.69 36.95
CA PHE A 49 -11.27 -1.28 36.02
C PHE A 49 -11.49 -0.78 34.60
N GLU A 50 -12.75 -0.63 34.22
CA GLU A 50 -13.10 -0.14 32.88
C GLU A 50 -12.65 1.31 32.71
N ILE A 51 -12.99 2.14 33.67
CA ILE A 51 -12.72 3.58 33.61
C ILE A 51 -11.22 3.90 33.73
N ILE A 52 -10.54 3.19 34.62
CA ILE A 52 -9.10 3.41 34.82
C ILE A 52 -8.33 3.16 33.53
N ASN A 53 -8.64 2.04 32.88
CA ASN A 53 -7.93 1.66 31.66
C ASN A 53 -8.31 2.55 30.48
N TYR A 54 -9.57 2.97 30.42
CA TYR A 54 -10.01 3.94 29.43
C TYR A 54 -9.14 5.18 29.48
N TYR A 55 -8.82 5.60 30.70
CA TYR A 55 -7.95 6.75 30.91
C TYR A 55 -6.51 6.47 30.50
N LYS A 56 -6.05 5.25 30.77
CA LYS A 56 -4.67 4.89 30.48
C LYS A 56 -4.40 4.88 28.97
N LEU A 57 -5.39 4.43 28.20
CA LEU A 57 -5.26 4.44 26.75
C LEU A 57 -5.29 5.88 26.21
N LEU A 58 -6.15 6.71 26.78
CA LEU A 58 -6.21 8.11 26.38
C LEU A 58 -4.93 8.84 26.74
N TYR A 59 -4.29 8.42 27.84
CA TYR A 59 -3.04 9.03 28.28
C TYR A 59 -1.92 8.81 27.27
N THR A 60 -2.02 7.72 26.52
CA THR A 60 -1.04 7.44 25.48
C THR A 60 -1.11 8.49 24.38
N ARG A 61 -2.33 8.89 24.03
CA ARG A 61 -2.54 9.90 23.00
C ARG A 61 -1.97 11.24 23.47
N TYR A 62 -2.01 11.48 24.77
CA TYR A 62 -1.40 12.67 25.35
C TYR A 62 0.11 12.63 25.13
N LEU A 63 0.70 11.47 25.35
CA LEU A 63 2.14 11.30 25.19
C LEU A 63 2.55 11.43 23.73
N ILE A 64 1.66 11.04 22.83
CA ILE A 64 1.88 11.20 21.40
C ILE A 64 1.86 12.69 21.05
N MET A 65 0.87 13.40 21.58
CA MET A 65 0.76 14.83 21.36
C MET A 65 1.95 15.55 21.99
N LYS A 66 2.34 15.13 23.18
CA LYS A 66 3.49 15.71 23.86
C LYS A 66 4.79 15.19 23.24
N ARG A 67 4.65 14.25 22.31
CA ARG A 67 5.76 13.70 21.56
C ARG A 67 6.81 13.08 22.49
N ASP A 68 6.35 12.43 23.55
CA ASP A 68 7.24 11.77 24.50
C ASP A 68 7.33 10.28 24.23
N ILE A 69 8.26 9.91 23.35
CA ILE A 69 8.38 8.53 22.87
C ILE A 69 8.82 7.56 23.96
N SER A 70 9.79 7.97 24.76
CA SER A 70 10.36 7.11 25.80
C SER A 70 9.31 6.66 26.82
N ALA A 71 8.34 7.54 27.09
CA ALA A 71 7.28 7.23 28.04
C ALA A 71 6.09 6.57 27.34
N LEU A 72 6.03 6.73 26.01
CA LEU A 72 4.94 6.16 25.22
C LEU A 72 5.05 4.64 25.17
N GLU A 73 6.26 4.12 25.14
CA GLU A 73 6.48 2.68 25.10
C GLU A 73 6.08 2.03 26.41
N GLU A 74 6.54 2.62 27.52
CA GLU A 74 6.33 2.05 28.84
C GLU A 74 4.86 1.83 29.15
N GLU A 75 4.01 2.72 28.65
CA GLU A 75 2.57 2.60 28.87
C GLU A 75 1.97 1.53 27.95
N LEU A 76 2.54 1.39 26.76
CA LEU A 76 2.06 0.41 25.80
C LEU A 76 2.60 -0.99 26.11
N ASP A 77 3.86 -1.07 26.48
CA ASP A 77 4.47 -2.35 26.87
C ASP A 77 3.84 -2.88 28.16
N LYS A 78 3.22 -1.99 28.91
CA LYS A 78 2.53 -2.35 30.13
C LYS A 78 1.16 -2.96 29.81
N LEU A 79 0.67 -2.70 28.61
CA LEU A 79 -0.64 -3.17 28.21
C LEU A 79 -0.58 -4.22 27.11
N LYS A 80 0.64 -4.55 26.67
CA LYS A 80 0.83 -5.38 25.49
C LYS A 80 0.32 -6.81 25.66
N LYS A 81 0.09 -7.23 26.89
CA LYS A 81 -0.34 -8.61 27.14
C LYS A 81 -1.81 -8.69 27.51
N VAL A 82 -2.31 -7.68 28.22
CA VAL A 82 -3.62 -7.76 28.83
C VAL A 82 -4.70 -6.99 28.06
N TYR A 83 -4.28 -6.21 27.08
CA TYR A 83 -5.21 -5.36 26.32
C TYR A 83 -6.27 -6.15 25.58
N LYS A 84 -5.99 -7.43 25.32
CA LYS A 84 -6.90 -8.28 24.56
C LYS A 84 -8.18 -8.60 25.32
N LYS A 85 -8.21 -8.30 26.62
CA LYS A 85 -9.38 -8.58 27.44
C LYS A 85 -10.16 -7.31 27.76
N TYR A 86 -9.69 -6.18 27.26
CA TYR A 86 -10.37 -4.90 27.50
C TYR A 86 -11.60 -4.73 26.62
N SER A 87 -12.22 -3.56 26.71
CA SER A 87 -13.31 -3.19 25.83
C SER A 87 -12.76 -2.97 24.42
N PRO A 88 -13.53 -3.33 23.38
CA PRO A 88 -13.09 -3.25 21.99
C PRO A 88 -12.56 -1.87 21.57
N PHE A 89 -13.05 -0.82 22.21
CA PHE A 89 -12.58 0.53 21.89
C PHE A 89 -11.19 0.78 22.46
N GLN A 90 -10.90 0.16 23.60
CA GLN A 90 -9.59 0.28 24.22
C GLN A 90 -8.52 -0.37 23.36
N LYS A 91 -8.91 -1.42 22.64
CA LYS A 91 -8.01 -2.07 21.70
C LYS A 91 -7.62 -1.12 20.58
N LEU A 92 -8.63 -0.48 20.00
CA LEU A 92 -8.42 0.49 18.92
C LEU A 92 -7.48 1.60 19.38
N LEU A 93 -7.63 2.05 20.63
CA LEU A 93 -6.77 3.07 21.17
C LEU A 93 -5.35 2.54 21.33
N TYR A 94 -5.25 1.25 21.64
CA TYR A 94 -3.95 0.62 21.82
C TYR A 94 -3.24 0.45 20.50
N MET A 95 -3.97 -0.04 19.50
CA MET A 95 -3.42 -0.23 18.16
C MET A 95 -3.03 1.09 17.53
N TYR A 96 -3.85 2.12 17.76
CA TYR A 96 -3.59 3.45 17.22
C TYR A 96 -2.32 4.03 17.84
N GLY A 97 -2.26 4.01 19.16
CA GLY A 97 -1.10 4.51 19.88
C GLY A 97 0.17 3.78 19.53
N ARG A 98 0.04 2.46 19.35
CA ARG A 98 1.17 1.64 18.95
C ARG A 98 1.58 1.98 17.51
N GLY A 99 0.59 2.28 16.68
CA GLY A 99 0.84 2.66 15.30
C GLY A 99 1.62 3.94 15.18
N LEU A 100 1.19 4.96 15.91
CA LEU A 100 1.87 6.26 15.89
C LEU A 100 3.22 6.18 16.59
N LEU A 101 3.35 5.22 17.50
CA LEU A 101 4.62 4.98 18.19
C LEU A 101 5.70 4.60 17.20
N CYS A 102 5.36 3.68 16.29
CA CYS A 102 6.30 3.24 15.28
C CYS A 102 6.62 4.38 14.32
N CYS A 103 5.64 5.24 14.07
CA CYS A 103 5.82 6.38 13.19
C CYS A 103 6.78 7.40 13.79
N LEU A 104 6.65 7.63 15.09
CA LEU A 104 7.54 8.54 15.81
C LEU A 104 8.93 7.93 15.91
N GLN A 105 9.02 6.62 15.79
CA GLN A 105 10.29 5.91 15.82
C GLN A 105 10.76 5.61 14.39
N TYR A 106 10.06 6.18 13.43
CA TYR A 106 10.40 6.07 12.00
C TYR A 106 10.37 4.64 11.50
N ARG A 107 9.61 3.78 12.18
CA ARG A 107 9.34 2.43 11.70
C ARG A 107 7.99 2.42 11.00
N TRP A 108 7.96 2.99 9.80
CA TRP A 108 6.72 3.25 9.08
C TRP A 108 6.00 1.98 8.62
N LYS A 109 6.77 0.99 8.18
CA LYS A 109 6.19 -0.26 7.71
C LYS A 109 5.44 -0.97 8.85
N ASP A 110 6.02 -0.92 10.04
CA ASP A 110 5.36 -1.48 11.21
C ASP A 110 4.21 -0.58 11.66
N GLY A 111 4.43 0.73 11.55
CA GLY A 111 3.40 1.70 11.91
C GLY A 111 2.18 1.56 11.05
N LEU A 112 2.40 1.40 9.75
CA LEU A 112 1.32 1.21 8.79
C LEU A 112 0.53 -0.04 9.12
N ASP A 113 1.25 -1.10 9.51
CA ASP A 113 0.65 -2.37 9.84
C ASP A 113 -0.37 -2.21 10.98
N TYR A 114 0.02 -1.48 12.01
CA TYR A 114 -0.86 -1.23 13.15
C TYR A 114 -2.00 -0.29 12.78
N LEU A 115 -1.68 0.74 12.02
CA LEU A 115 -2.68 1.74 11.62
C LEU A 115 -3.78 1.13 10.76
N LEU A 116 -3.39 0.20 9.88
CA LEU A 116 -4.37 -0.47 9.02
C LEU A 116 -5.31 -1.35 9.84
N LYS A 117 -4.76 -2.02 10.85
CA LYS A 117 -5.58 -2.83 11.75
C LYS A 117 -6.50 -1.94 12.57
N THR A 118 -5.99 -0.77 12.94
CA THR A 118 -6.77 0.23 13.68
C THR A 118 -7.99 0.65 12.86
N GLU A 119 -7.78 0.85 11.55
CA GLU A 119 -8.85 1.21 10.64
C GLU A 119 -9.85 0.06 10.51
N VAL A 120 -9.36 -1.16 10.55
CA VAL A 120 -10.24 -2.32 10.49
C VAL A 120 -11.13 -2.37 11.73
N MET A 121 -10.53 -2.11 12.89
CA MET A 121 -11.29 -2.07 14.13
C MET A 121 -12.26 -0.89 14.12
N ALA A 122 -11.88 0.15 13.40
CA ALA A 122 -12.70 1.35 13.29
C ALA A 122 -14.02 1.04 12.58
N LYS A 123 -13.95 0.22 11.53
CA LYS A 123 -15.13 -0.15 10.77
C LYS A 123 -15.95 -1.19 11.51
N GLU A 124 -15.28 -1.99 12.35
CA GLU A 124 -15.95 -3.02 13.15
C GLU A 124 -16.78 -2.42 14.26
N GLN A 125 -16.38 -1.26 14.76
CA GLN A 125 -17.00 -0.65 15.93
C GLN A 125 -17.95 0.48 15.56
N GLY A 126 -18.06 0.77 14.27
CA GLY A 126 -18.90 1.85 13.80
C GLY A 126 -18.41 3.20 14.28
N TYR A 127 -17.09 3.32 14.37
CA TYR A 127 -16.46 4.56 14.80
C TYR A 127 -15.18 4.80 14.02
N HIS A 128 -15.14 5.88 13.25
CA HIS A 128 -13.94 6.22 12.50
C HIS A 128 -13.40 7.59 12.91
N GLU A 129 -12.14 7.83 12.57
CA GLU A 129 -11.48 9.09 12.91
C GLU A 129 -10.72 9.59 11.68
N THR A 130 -11.08 10.80 11.23
CA THR A 130 -10.52 11.35 10.00
C THR A 130 -9.00 11.54 10.11
N GLY A 131 -8.51 11.77 11.32
CA GLY A 131 -7.09 11.91 11.55
C GLY A 131 -6.32 10.65 11.23
N LEU A 132 -6.98 9.50 11.45
CA LEU A 132 -6.37 8.20 11.17
C LEU A 132 -6.03 8.03 9.69
N TYR A 133 -6.96 8.43 8.81
CA TYR A 133 -6.74 8.35 7.37
C TYR A 133 -5.49 9.12 6.97
N TYR A 134 -5.27 10.27 7.62
CA TYR A 134 -4.12 11.10 7.33
C TYR A 134 -2.82 10.40 7.69
N ASN A 135 -2.79 9.81 8.88
CA ASN A 135 -1.59 9.12 9.35
C ASN A 135 -1.26 7.91 8.49
N ILE A 136 -2.29 7.22 8.03
CA ILE A 136 -2.09 6.08 7.13
C ILE A 136 -1.43 6.53 5.84
N ALA A 137 -1.89 7.66 5.32
CA ALA A 137 -1.34 8.23 4.10
C ALA A 137 0.05 8.80 4.35
N LEU A 138 0.27 9.29 5.57
CA LEU A 138 1.57 9.82 5.95
C LEU A 138 2.59 8.69 6.02
N ALA A 139 2.18 7.55 6.55
CA ALA A 139 3.04 6.38 6.61
C ALA A 139 3.28 5.83 5.21
N TYR A 140 2.24 5.88 4.38
CA TYR A 140 2.33 5.42 3.00
C TYR A 140 3.26 6.30 2.17
N THR A 141 3.51 7.50 2.66
CA THR A 141 4.37 8.45 1.96
C THR A 141 5.84 8.11 2.14
N HIS A 142 6.22 7.82 3.38
CA HIS A 142 7.61 7.48 3.70
C HIS A 142 7.98 6.11 3.13
N LEU A 143 6.98 5.28 2.87
CA LEU A 143 7.21 3.99 2.26
C LEU A 143 7.19 4.09 0.74
N ASP A 144 7.11 5.32 0.25
CA ASP A 144 7.11 5.62 -1.19
C ASP A 144 5.99 4.90 -1.94
N ILE A 145 4.90 4.61 -1.24
CA ILE A 145 3.72 4.04 -1.86
C ILE A 145 2.72 5.16 -2.07
N HIS A 146 2.91 5.91 -3.15
CA HIS A 146 2.20 7.18 -3.33
C HIS A 146 0.77 7.00 -3.83
N HIS A 147 0.53 5.98 -4.64
CA HIS A 147 -0.80 5.75 -5.18
C HIS A 147 -1.79 5.42 -4.06
N LEU A 148 -1.31 4.73 -3.03
CA LEU A 148 -2.13 4.45 -1.87
C LEU A 148 -2.14 5.65 -0.94
N ALA A 149 -1.04 6.39 -0.90
CA ALA A 149 -0.95 7.61 -0.10
C ALA A 149 -1.99 8.61 -0.57
N ILE A 150 -2.09 8.77 -1.89
CA ILE A 150 -3.08 9.66 -2.48
C ILE A 150 -4.49 9.16 -2.19
N HIS A 151 -4.66 7.84 -2.14
CA HIS A 151 -5.97 7.26 -1.88
C HIS A 151 -6.50 7.64 -0.51
N PHE A 152 -5.61 7.71 0.47
CA PHE A 152 -6.02 7.92 1.86
C PHE A 152 -6.14 9.39 2.24
N VAL A 153 -5.36 10.26 1.60
CA VAL A 153 -5.51 11.69 1.86
C VAL A 153 -6.84 12.19 1.34
N ASN A 154 -7.29 11.63 0.21
CA ASN A 154 -8.56 12.01 -0.38
C ASN A 154 -9.73 11.69 0.54
N MET A 155 -9.60 10.59 1.28
CA MET A 155 -10.61 10.24 2.27
C MET A 155 -10.50 11.16 3.46
N ALA A 156 -9.26 11.49 3.83
CA ALA A 156 -9.00 12.42 4.93
C ALA A 156 -9.42 13.83 4.53
N LEU A 157 -9.17 14.17 3.27
CA LEU A 157 -9.52 15.48 2.74
C LEU A 157 -11.03 15.72 2.80
N GLU A 158 -11.79 14.78 2.27
CA GLU A 158 -13.24 14.90 2.28
C GLU A 158 -13.78 14.80 3.70
N GLY A 159 -13.03 14.11 4.56
CA GLY A 159 -13.37 14.02 5.96
C GLY A 159 -13.16 15.35 6.65
N PHE A 160 -12.01 15.97 6.37
CA PHE A 160 -11.67 17.26 6.95
C PHE A 160 -12.58 18.37 6.42
N ARG A 161 -13.03 18.20 5.18
CA ARG A 161 -13.93 19.18 4.56
C ARG A 161 -15.28 19.20 5.28
N SER A 162 -15.84 18.03 5.51
CA SER A 162 -17.13 17.92 6.19
C SER A 162 -17.04 18.38 7.64
N GLU A 163 -15.85 18.25 8.22
CA GLU A 163 -15.63 18.65 9.61
C GLU A 163 -15.25 20.14 9.71
N ALA A 164 -15.18 20.80 8.54
CA ALA A 164 -14.87 22.23 8.46
C ALA A 164 -13.53 22.59 9.09
N LYS A 165 -12.58 21.65 9.05
CA LYS A 165 -11.25 21.89 9.61
C LYS A 165 -10.30 22.28 8.49
N ALA A 166 -10.29 23.57 8.15
CA ALA A 166 -9.53 24.05 7.01
C ALA A 166 -8.02 23.91 7.19
N ARG A 167 -7.56 23.91 8.44
CA ARG A 167 -6.14 23.81 8.74
C ARG A 167 -5.57 22.46 8.30
N ASN A 168 -6.23 21.39 8.69
CA ASN A 168 -5.80 20.04 8.32
C ASN A 168 -5.96 19.77 6.83
N ILE A 169 -6.90 20.47 6.20
CA ILE A 169 -7.10 20.36 4.76
C ILE A 169 -5.83 20.75 4.02
N ILE A 170 -5.17 21.80 4.50
CA ILE A 170 -3.91 22.25 3.91
C ILE A 170 -2.83 21.18 4.07
N ASN A 171 -2.80 20.53 5.22
CA ASN A 171 -1.85 19.44 5.47
C ASN A 171 -1.95 18.33 4.44
N CYS A 172 -3.17 18.06 3.99
CA CYS A 172 -3.40 17.05 2.96
C CYS A 172 -2.85 17.53 1.62
N GLN A 173 -3.10 18.79 1.30
CA GLN A 173 -2.63 19.38 0.05
C GLN A 173 -1.11 19.33 -0.04
N ILE A 174 -0.44 19.57 1.08
CA ILE A 174 1.01 19.48 1.16
C ILE A 174 1.48 18.07 0.86
N LEU A 175 0.81 17.11 1.48
CA LEU A 175 1.17 15.70 1.32
C LEU A 175 0.93 15.23 -0.12
N ILE A 176 -0.12 15.76 -0.75
CA ILE A 176 -0.41 15.43 -2.14
C ILE A 176 0.69 15.92 -3.06
N ALA A 177 1.15 17.15 -2.82
CA ALA A 177 2.20 17.73 -3.63
C ALA A 177 3.54 17.02 -3.40
N VAL A 178 3.67 16.36 -2.25
CA VAL A 178 4.88 15.61 -1.93
C VAL A 178 4.96 14.35 -2.80
N SER A 179 3.86 13.62 -2.88
CA SER A 179 3.80 12.40 -3.69
C SER A 179 4.02 12.72 -5.17
N TYR A 180 3.48 13.85 -5.62
CA TYR A 180 3.67 14.29 -7.00
C TYR A 180 5.13 14.60 -7.29
N THR A 181 5.82 15.12 -6.28
CA THR A 181 7.24 15.45 -6.40
C THR A 181 8.07 14.19 -6.60
N GLU A 182 7.73 13.14 -5.85
CA GLU A 182 8.43 11.87 -5.95
C GLU A 182 7.98 11.10 -7.20
N LYS A 183 6.82 11.46 -7.73
CA LYS A 183 6.28 10.81 -8.91
C LYS A 183 6.90 11.40 -10.18
N GLY A 184 7.73 12.42 -10.02
CA GLY A 184 8.44 13.01 -11.14
C GLY A 184 7.73 14.20 -11.76
N GLN A 185 6.50 14.43 -11.36
CA GLN A 185 5.72 15.55 -11.89
C GLN A 185 5.98 16.82 -11.09
N TYR A 186 7.18 17.37 -11.27
CA TYR A 186 7.65 18.52 -10.51
C TYR A 186 6.80 19.76 -10.73
N GLU A 187 6.38 19.98 -11.97
CA GLU A 187 5.70 21.23 -12.32
C GLU A 187 4.33 21.34 -11.67
N GLU A 188 3.58 20.25 -11.65
CA GLU A 188 2.26 20.24 -11.04
C GLU A 188 2.35 20.34 -9.51
N ALA A 189 3.48 19.92 -8.96
CA ALA A 189 3.71 19.99 -7.53
C ALA A 189 4.03 21.41 -7.08
N LEU A 190 4.86 22.09 -7.87
CA LEU A 190 5.20 23.49 -7.60
C LEU A 190 3.96 24.36 -7.58
N LYS A 191 3.13 24.23 -8.61
CA LYS A 191 1.92 25.03 -8.76
C LYS A 191 0.94 24.73 -7.63
N MET A 192 1.08 23.54 -7.05
CA MET A 192 0.27 23.13 -5.92
C MET A 192 0.77 23.79 -4.64
N TYR A 193 2.08 23.99 -4.56
CA TYR A 193 2.71 24.64 -3.41
C TYR A 193 2.45 26.14 -3.42
N GLU A 194 2.41 26.72 -4.61
CA GLU A 194 2.16 28.15 -4.76
C GLU A 194 0.77 28.50 -4.25
N SER A 195 -0.18 27.61 -4.44
CA SER A 195 -1.54 27.80 -3.98
C SER A 195 -1.60 27.80 -2.45
N ILE A 196 -0.65 27.12 -1.83
CA ILE A 196 -0.57 27.06 -0.37
C ILE A 196 0.00 28.37 0.18
N LEU A 197 0.87 29.01 -0.61
CA LEU A 197 1.47 30.27 -0.22
C LEU A 197 0.40 31.34 0.06
N ARG A 198 -0.70 31.27 -0.68
CA ARG A 198 -1.82 32.17 -0.43
C ARG A 198 -2.67 31.69 0.74
N GLU A 199 -2.88 30.38 0.80
CA GLU A 199 -3.71 29.78 1.84
C GLU A 199 -3.11 29.95 3.23
N ALA A 200 -1.78 30.01 3.29
CA ALA A 200 -1.05 30.04 4.56
C ALA A 200 -1.43 31.24 5.41
N THR A 201 -1.57 32.39 4.76
CA THR A 201 -1.81 33.66 5.45
C THR A 201 -3.06 33.67 6.33
N SER A 202 -3.99 32.77 6.04
CA SER A 202 -5.27 32.73 6.74
C SER A 202 -5.15 32.08 8.12
N PHE A 203 -4.06 31.37 8.37
CA PHE A 203 -3.90 30.66 9.63
C PHE A 203 -2.91 31.35 10.57
N ALA A 204 -3.07 31.09 11.87
CA ALA A 204 -2.21 31.68 12.88
C ALA A 204 -0.76 31.20 12.72
N ASP A 205 -0.59 29.90 12.55
CA ASP A 205 0.73 29.32 12.34
C ASP A 205 1.14 29.38 10.87
N LYS A 206 1.00 30.56 10.27
CA LYS A 206 1.33 30.76 8.87
C LYS A 206 2.82 30.64 8.61
N ASP A 207 3.62 31.04 9.59
CA ASP A 207 5.07 31.06 9.44
C ASP A 207 5.66 29.64 9.40
N VAL A 208 4.95 28.68 9.99
CA VAL A 208 5.43 27.31 9.97
C VAL A 208 4.90 26.60 8.73
N LEU A 209 3.87 27.17 8.11
CA LEU A 209 3.34 26.64 6.86
C LEU A 209 4.22 27.06 5.69
N LEU A 210 4.64 28.31 5.72
CA LEU A 210 5.50 28.85 4.68
C LEU A 210 6.86 28.17 4.69
N ALA A 211 7.41 27.98 5.89
CA ALA A 211 8.72 27.35 6.04
C ALA A 211 8.74 25.97 5.42
N ILE A 212 7.65 25.23 5.57
CA ILE A 212 7.53 23.90 4.99
C ILE A 212 7.40 23.96 3.47
N THR A 213 6.50 24.82 2.99
CA THR A 213 6.27 24.98 1.56
C THR A 213 7.52 25.46 0.84
N LEU A 214 8.16 26.50 1.38
CA LEU A 214 9.37 27.05 0.79
C LEU A 214 10.48 25.99 0.75
N SER A 215 10.49 25.12 1.75
CA SER A 215 11.46 24.04 1.82
C SER A 215 11.22 23.02 0.70
N ASN A 216 9.99 22.54 0.62
CA ASN A 216 9.63 21.54 -0.37
C ASN A 216 9.77 22.06 -1.81
N MET A 217 9.50 23.35 -1.98
CA MET A 217 9.69 23.98 -3.29
C MET A 217 11.16 24.02 -3.65
N GLY A 218 11.99 24.37 -2.68
CA GLY A 218 13.43 24.42 -2.89
C GLY A 218 13.98 23.05 -3.25
N SER A 219 13.34 22.01 -2.71
CA SER A 219 13.73 20.64 -3.00
C SER A 219 13.46 20.30 -4.46
N ILE A 220 12.36 20.83 -4.99
CA ILE A 220 11.99 20.62 -6.38
C ILE A 220 12.97 21.32 -7.32
N TYR A 221 13.37 22.54 -6.96
CA TYR A 221 14.35 23.27 -7.76
C TYR A 221 15.72 22.62 -7.63
N TYR A 222 15.90 21.83 -6.58
CA TYR A 222 17.15 21.11 -6.38
C TYR A 222 17.22 19.88 -7.29
N LYS A 223 16.08 19.24 -7.51
CA LYS A 223 16.03 18.05 -8.35
C LYS A 223 16.05 18.42 -9.83
N LYS A 224 15.54 19.61 -10.14
CA LYS A 224 15.61 20.12 -11.51
C LYS A 224 17.04 20.44 -11.90
N GLY A 225 17.75 21.13 -11.01
CA GLY A 225 19.11 21.56 -11.28
C GLY A 225 19.29 23.03 -10.99
N LYS A 226 18.18 23.72 -10.73
CA LYS A 226 18.21 25.15 -10.42
C LYS A 226 18.64 25.36 -8.98
N TYR A 227 19.95 25.24 -8.74
CA TYR A 227 20.50 25.27 -7.38
C TYR A 227 20.45 26.66 -6.77
N GLN A 228 20.67 27.69 -7.60
CA GLN A 228 20.62 29.06 -7.11
C GLN A 228 19.23 29.45 -6.66
N GLN A 229 18.21 28.85 -7.28
CA GLN A 229 16.85 29.03 -6.82
C GLN A 229 16.61 28.20 -5.57
N ALA A 230 17.20 27.01 -5.54
CA ALA A 230 17.06 26.10 -4.42
C ALA A 230 17.47 26.75 -3.11
N LYS A 231 18.60 27.45 -3.13
CA LYS A 231 19.09 28.12 -1.92
C LYS A 231 18.17 29.25 -1.47
N LYS A 232 17.71 30.05 -2.42
CA LYS A 232 16.84 31.19 -2.13
C LYS A 232 15.56 30.75 -1.42
N TYR A 233 14.96 29.65 -1.90
CA TYR A 233 13.75 29.13 -1.29
C TYR A 233 14.05 28.51 0.07
N TYR A 234 15.24 27.92 0.20
CA TYR A 234 15.67 27.31 1.45
C TYR A 234 16.03 28.37 2.49
N LEU A 235 16.67 29.45 2.02
CA LEU A 235 17.10 30.52 2.91
C LEU A 235 15.90 31.23 3.50
N ASP A 236 14.90 31.47 2.67
CA ASP A 236 13.66 32.09 3.13
C ASP A 236 12.93 31.15 4.08
N SER A 237 13.11 29.85 3.87
CA SER A 237 12.50 28.84 4.72
C SER A 237 13.16 28.84 6.10
N LEU A 238 14.49 28.90 6.11
CA LEU A 238 15.26 28.90 7.35
C LEU A 238 15.02 30.14 8.19
N GLN A 239 14.86 31.28 7.52
CA GLN A 239 14.67 32.56 8.21
C GLN A 239 13.35 32.59 8.97
N LEU A 240 12.45 31.68 8.61
CA LEU A 240 11.17 31.56 9.31
C LEU A 240 11.24 30.44 10.34
N GLN A 241 12.29 29.65 10.29
CA GLN A 241 12.50 28.57 11.24
C GLN A 241 13.14 29.10 12.53
N LYS A 242 12.31 29.67 13.40
CA LYS A 242 12.77 30.17 14.70
C LYS A 242 12.63 29.08 15.76
N GLN A 243 12.09 27.94 15.35
CA GLN A 243 11.85 26.81 16.25
C GLN A 243 12.67 25.60 15.83
N ILE A 244 13.54 25.12 16.72
CA ILE A 244 14.37 23.97 16.42
C ILE A 244 13.57 22.68 16.54
N ASP A 245 13.33 22.02 15.41
CA ASP A 245 12.55 20.78 15.39
C ASP A 245 12.90 19.92 14.17
N LEU A 246 12.00 18.99 13.84
CA LEU A 246 12.24 18.06 12.74
C LEU A 246 12.33 18.76 11.40
N ASN A 247 11.37 19.64 11.13
CA ASN A 247 11.33 20.37 9.87
C ASN A 247 12.55 21.27 9.70
N TYR A 248 13.03 21.82 10.81
CA TYR A 248 14.24 22.63 10.80
C TYR A 248 15.45 21.81 10.35
N LEU A 249 15.55 20.60 10.85
CA LEU A 249 16.67 19.73 10.52
C LEU A 249 16.61 19.27 9.06
N ASP A 250 15.40 19.16 8.52
CA ASP A 250 15.24 18.81 7.11
C ASP A 250 15.74 19.94 6.21
N THR A 251 15.27 21.15 6.48
CA THR A 251 15.64 22.30 5.66
C THR A 251 17.15 22.57 5.67
N ILE A 252 17.75 22.48 6.86
CA ILE A 252 19.16 22.81 7.01
C ILE A 252 20.06 21.71 6.46
N TYR A 253 19.55 20.48 6.42
CA TYR A 253 20.29 19.36 5.84
C TYR A 253 20.27 19.48 4.32
N GLU A 254 19.10 19.78 3.79
CA GLU A 254 18.93 19.89 2.34
C GLU A 254 19.65 21.11 1.78
N MET A 255 19.69 22.18 2.54
CA MET A 255 20.39 23.39 2.11
C MET A 255 21.90 23.13 2.02
N ALA A 256 22.42 22.37 2.97
CA ALA A 256 23.84 22.03 2.98
C ALA A 256 24.27 21.40 1.66
N LEU A 257 23.40 20.56 1.11
CA LEU A 257 23.66 19.92 -0.18
C LEU A 257 23.66 20.92 -1.31
N VAL A 258 22.83 21.96 -1.18
CA VAL A 258 22.76 23.01 -2.19
C VAL A 258 24.07 23.80 -2.22
N CYS A 259 24.60 24.08 -1.04
CA CYS A 259 25.86 24.84 -0.94
C CYS A 259 27.04 24.01 -1.43
N ILE A 260 26.86 22.69 -1.48
CA ILE A 260 27.88 21.81 -2.03
C ILE A 260 27.90 21.90 -3.55
N LYS A 261 26.73 21.87 -4.15
CA LYS A 261 26.61 21.98 -5.61
C LYS A 261 27.04 23.35 -6.10
N LEU A 262 26.84 24.36 -5.27
CA LEU A 262 27.27 25.73 -5.60
C LEU A 262 28.74 25.94 -5.25
N GLU A 263 29.40 24.87 -4.81
CA GLU A 263 30.81 24.89 -4.41
C GLU A 263 31.05 25.91 -3.28
N GLU A 264 30.02 26.19 -2.50
CA GLU A 264 30.15 27.06 -1.34
C GLU A 264 30.29 26.20 -0.08
N LEU A 265 31.41 25.47 -0.02
CA LEU A 265 31.62 24.47 1.02
C LEU A 265 31.68 25.06 2.42
N GLU A 266 32.27 26.25 2.55
CA GLU A 266 32.43 26.89 3.85
C GLU A 266 31.08 27.16 4.49
N GLU A 267 30.12 27.63 3.69
CA GLU A 267 28.78 27.86 4.20
C GLU A 267 28.12 26.52 4.49
N ALA A 268 28.35 25.55 3.61
CA ALA A 268 27.85 24.20 3.81
C ALA A 268 28.46 23.61 5.07
N ARG A 269 29.74 23.86 5.28
CA ARG A 269 30.44 23.37 6.46
C ARG A 269 29.86 24.02 7.72
N THR A 270 29.45 25.28 7.60
CA THR A 270 28.87 26.00 8.72
C THR A 270 27.48 25.47 9.05
N LEU A 271 26.68 25.23 8.02
CA LEU A 271 25.31 24.76 8.18
C LEU A 271 25.23 23.40 8.85
N ILE A 272 26.14 22.51 8.48
CA ILE A 272 26.16 21.17 9.05
C ILE A 272 26.45 21.23 10.55
N ASP A 273 27.47 22.00 10.92
CA ASP A 273 27.84 22.15 12.33
C ASP A 273 26.69 22.74 13.16
N LYS A 274 25.90 23.62 12.53
CA LYS A 274 24.73 24.18 13.19
C LYS A 274 23.63 23.13 13.34
N GLY A 275 23.48 22.31 12.30
CA GLY A 275 22.47 21.25 12.31
C GLY A 275 22.85 20.11 13.24
N ILE A 276 24.14 19.85 13.34
CA ILE A 276 24.63 18.81 14.24
C ILE A 276 24.34 19.19 15.70
N ASP A 277 24.73 20.39 16.09
CA ASP A 277 24.50 20.85 17.46
C ASP A 277 23.02 20.91 17.78
N ALA A 278 22.20 21.15 16.77
CA ALA A 278 20.76 21.23 16.95
C ALA A 278 20.17 19.85 17.25
N ALA A 279 20.69 18.84 16.56
CA ALA A 279 20.17 17.49 16.68
C ALA A 279 20.70 16.78 17.92
N LYS A 280 21.85 17.20 18.41
CA LYS A 280 22.47 16.59 19.57
C LYS A 280 21.67 16.83 20.84
N GLN A 281 20.92 17.94 20.86
CA GLN A 281 20.23 18.36 22.07
C GLN A 281 19.07 17.43 22.41
N GLU A 282 18.10 17.31 21.52
CA GLU A 282 16.98 16.40 21.74
C GLU A 282 17.24 15.06 21.05
N GLU A 283 17.14 13.98 21.82
CA GLU A 283 17.50 12.65 21.32
C GLU A 283 16.41 12.04 20.43
N ARG A 284 15.41 12.84 20.10
CA ARG A 284 14.41 12.45 19.12
C ARG A 284 14.97 12.64 17.71
N PHE A 285 16.11 13.32 17.65
CA PHE A 285 16.73 13.70 16.38
C PHE A 285 17.92 12.82 16.03
N ASN A 286 18.04 11.67 16.67
CA ASN A 286 19.16 10.77 16.44
C ASN A 286 19.26 10.30 14.99
N ALA A 287 18.10 10.13 14.36
CA ALA A 287 18.05 9.70 12.97
C ALA A 287 18.71 10.72 12.04
N LYS A 288 18.45 11.99 12.30
CA LYS A 288 18.98 13.06 11.47
C LYS A 288 20.36 13.52 11.94
N LEU A 289 20.66 13.28 13.21
CA LEU A 289 21.97 13.62 13.75
C LEU A 289 23.07 12.86 13.02
N TYR A 290 22.92 11.55 12.94
CA TYR A 290 23.91 10.71 12.26
C TYR A 290 23.80 10.87 10.75
N LEU A 291 22.65 11.36 10.30
CA LEU A 291 22.47 11.67 8.89
C LEU A 291 23.25 12.94 8.55
N LEU A 292 23.20 13.90 9.46
CA LEU A 292 23.97 15.14 9.30
C LEU A 292 25.46 14.85 9.50
N LEU A 293 25.77 13.93 10.40
CA LEU A 293 27.16 13.57 10.68
C LEU A 293 27.81 12.90 9.48
N MET A 294 27.00 12.18 8.69
CA MET A 294 27.50 11.53 7.49
C MET A 294 27.98 12.55 6.46
N LEU A 295 27.30 13.68 6.39
CA LEU A 295 27.72 14.77 5.52
C LEU A 295 29.05 15.35 5.98
N ARG A 296 29.20 15.48 7.29
CA ARG A 296 30.43 16.01 7.88
C ARG A 296 31.64 15.15 7.50
N TYR A 297 31.44 13.84 7.50
CA TYR A 297 32.53 12.91 7.21
C TYR A 297 32.75 12.74 5.71
N LYS A 298 31.68 12.84 4.94
CA LYS A 298 31.75 12.57 3.50
C LYS A 298 32.58 13.61 2.75
N TYR A 299 32.58 14.84 3.25
CA TYR A 299 33.24 15.93 2.54
C TYR A 299 34.41 16.55 3.30
N PHE A 300 34.30 16.59 4.62
CA PHE A 300 35.26 17.33 5.44
C PHE A 300 36.10 16.44 6.35
N GLU A 301 35.95 15.13 6.20
CA GLU A 301 36.81 14.17 6.87
C GLU A 301 37.38 13.19 5.85
N GLU A 302 38.53 12.60 6.14
CA GLU A 302 39.17 11.68 5.21
C GLU A 302 38.30 10.45 4.96
N ALA A 303 38.46 9.86 3.79
CA ALA A 303 37.60 8.76 3.34
C ALA A 303 37.59 7.58 4.29
N LYS A 304 38.74 7.30 4.90
CA LYS A 304 38.85 6.18 5.84
C LYS A 304 38.08 6.44 7.12
N ASP A 305 38.09 7.69 7.57
CA ASP A 305 37.31 8.09 8.73
C ASP A 305 35.83 8.05 8.41
N TYR A 306 35.50 8.43 7.17
CA TYR A 306 34.13 8.38 6.68
C TYR A 306 33.64 6.93 6.64
N LYS A 307 34.49 6.04 6.16
CA LYS A 307 34.18 4.61 6.12
C LYS A 307 34.01 4.05 7.53
N ALA A 308 34.90 4.48 8.43
CA ALA A 308 34.88 4.00 9.81
C ALA A 308 33.60 4.40 10.51
N PHE A 309 33.12 5.61 10.23
CA PHE A 309 31.91 6.12 10.84
C PHE A 309 30.67 5.42 10.33
N LEU A 310 30.73 4.98 9.07
CA LEU A 310 29.61 4.28 8.45
C LEU A 310 29.47 2.85 8.99
N GLU A 311 30.58 2.14 9.07
CA GLU A 311 30.57 0.75 9.50
C GLU A 311 30.30 0.59 10.99
N ASN A 312 30.95 1.43 11.79
CA ASN A 312 30.99 1.22 13.24
C ASN A 312 29.97 2.03 14.04
N GLU A 313 29.36 3.03 13.42
CA GLU A 313 28.43 3.90 14.13
C GLU A 313 27.10 4.08 13.41
N ALA A 314 27.15 4.23 12.09
CA ALA A 314 25.95 4.44 11.29
C ALA A 314 25.09 3.18 11.24
N ILE A 315 25.65 2.10 10.71
CA ILE A 315 24.94 0.83 10.63
C ILE A 315 24.46 0.30 11.99
N PRO A 316 25.30 0.32 13.04
CA PRO A 316 24.80 -0.17 14.33
C PRO A 316 23.61 0.63 14.86
N LEU A 317 23.59 1.93 14.61
CA LEU A 317 22.50 2.78 15.07
C LEU A 317 21.21 2.48 14.29
N TYR A 318 21.35 2.34 12.98
CA TYR A 318 20.20 2.10 12.11
C TYR A 318 19.81 0.63 12.06
N LYS A 319 20.52 -0.19 12.82
CA LYS A 319 20.19 -1.61 12.91
C LYS A 319 19.45 -1.85 14.22
N SER A 320 19.85 -1.11 15.25
CA SER A 320 19.17 -1.14 16.54
C SER A 320 17.71 -0.76 16.37
N ALA A 321 17.44 0.39 15.77
CA ALA A 321 16.07 0.76 15.40
C ALA A 321 15.85 0.44 13.93
N GLY A 322 14.70 -0.14 13.61
CA GLY A 322 14.40 -0.56 12.25
C GLY A 322 14.23 0.57 11.24
N ASN A 323 15.09 1.58 11.32
CA ASN A 323 15.03 2.70 10.40
C ASN A 323 15.71 2.34 9.09
N LYS A 324 15.03 1.49 8.31
CA LYS A 324 15.59 0.92 7.09
C LYS A 324 15.86 1.93 5.98
N ILE A 325 15.01 2.95 5.89
CA ILE A 325 15.20 4.03 4.92
C ILE A 325 16.59 4.65 5.04
N GLU A 326 17.02 4.89 6.28
CA GLU A 326 18.35 5.46 6.51
C GLU A 326 19.42 4.39 6.32
N LEU A 327 19.11 3.15 6.69
CA LEU A 327 20.05 2.05 6.53
C LEU A 327 20.35 1.79 5.05
N LYS A 328 19.34 2.03 4.20
CA LYS A 328 19.51 1.93 2.75
C LYS A 328 20.50 2.99 2.28
N LYS A 329 20.33 4.21 2.78
CA LYS A 329 21.21 5.32 2.44
C LYS A 329 22.66 5.04 2.80
N VAL A 330 22.87 4.41 3.96
CA VAL A 330 24.23 4.12 4.42
C VAL A 330 24.90 3.04 3.58
N TYR A 331 24.12 2.02 3.22
CA TYR A 331 24.62 0.94 2.38
C TYR A 331 25.10 1.44 1.02
N VAL A 332 24.34 2.35 0.43
CA VAL A 332 24.70 2.91 -0.88
C VAL A 332 25.98 3.71 -0.80
N GLU A 333 26.13 4.49 0.26
CA GLU A 333 27.34 5.29 0.46
C GLU A 333 28.56 4.39 0.65
N LEU A 334 28.39 3.29 1.37
CA LEU A 334 29.46 2.31 1.53
C LEU A 334 29.75 1.61 0.21
N ALA A 335 28.70 1.29 -0.54
CA ALA A 335 28.85 0.64 -1.83
C ALA A 335 29.59 1.53 -2.82
N GLU A 336 29.25 2.81 -2.83
CA GLU A 336 29.88 3.78 -3.74
C GLU A 336 31.30 4.10 -3.31
N HIS A 337 31.57 3.97 -2.01
CA HIS A 337 32.90 4.25 -1.49
C HIS A 337 33.90 3.20 -1.95
N PHE A 338 33.59 1.93 -1.68
CA PHE A 338 34.47 0.83 -2.08
C PHE A 338 34.62 0.75 -3.59
N SER A 339 33.57 1.17 -4.30
CA SER A 339 33.59 1.19 -5.76
C SER A 339 34.65 2.18 -6.27
N SER A 340 34.89 3.23 -5.49
CA SER A 340 35.91 4.22 -5.82
C SER A 340 37.30 3.72 -5.42
N LEU A 341 37.35 2.87 -4.40
CA LEU A 341 38.61 2.30 -3.93
C LEU A 341 38.91 1.00 -4.65
N SER A 342 38.13 0.71 -5.69
CA SER A 342 38.29 -0.48 -6.53
C SER A 342 38.20 -1.79 -5.74
N ARG A 343 37.58 -1.72 -4.56
CA ARG A 343 37.30 -2.92 -3.78
C ARG A 343 35.88 -3.38 -4.10
N PHE A 344 35.69 -3.79 -5.35
CA PHE A 344 34.37 -4.07 -5.89
C PHE A 344 33.64 -5.21 -5.19
N GLU A 345 34.38 -6.22 -4.76
CA GLU A 345 33.78 -7.37 -4.10
C GLU A 345 33.09 -6.94 -2.80
N GLU A 346 33.76 -6.08 -2.04
CA GLU A 346 33.18 -5.56 -0.81
C GLU A 346 32.09 -4.55 -1.15
N SER A 347 32.26 -3.87 -2.28
CA SER A 347 31.24 -2.96 -2.78
C SER A 347 30.00 -3.74 -3.21
N ASN A 348 30.23 -4.83 -3.95
CA ASN A 348 29.19 -5.72 -4.41
C ASN A 348 28.37 -6.28 -3.25
N ARG A 349 29.07 -6.52 -2.14
CA ARG A 349 28.44 -7.05 -0.93
C ARG A 349 27.30 -6.16 -0.45
N TYR A 350 27.57 -4.87 -0.35
CA TYR A 350 26.59 -3.91 0.14
C TYR A 350 25.43 -3.71 -0.84
N TYR A 351 25.71 -3.87 -2.12
CA TYR A 351 24.66 -3.78 -3.13
C TYR A 351 23.64 -4.90 -2.95
N ARG A 352 24.11 -6.06 -2.50
CA ARG A 352 23.20 -7.17 -2.25
C ARG A 352 22.37 -6.92 -1.00
N LEU A 353 22.93 -6.17 -0.06
CA LEU A 353 22.26 -5.87 1.19
C LEU A 353 21.15 -4.84 1.01
N VAL A 354 21.38 -3.89 0.11
CA VAL A 354 20.45 -2.79 -0.09
C VAL A 354 19.24 -3.24 -0.91
N ILE A 355 19.43 -4.30 -1.69
CA ILE A 355 18.34 -4.86 -2.49
C ILE A 355 17.37 -5.64 -1.60
N ASP A 356 17.93 -6.34 -0.61
CA ASP A 356 17.11 -7.11 0.32
C ASP A 356 16.16 -6.21 1.13
N LEU A 357 16.60 -4.99 1.40
CA LEU A 357 15.79 -4.04 2.18
C LEU A 357 14.63 -3.49 1.35
N MET A 358 14.73 -3.59 0.03
CA MET A 358 13.68 -3.13 -0.85
C MET A 358 12.66 -4.24 -1.10
N ASN A 359 12.91 -5.41 -0.52
CA ASN A 359 11.99 -6.54 -0.61
C ASN A 359 11.79 -7.23 0.75
N ASP B 8 -50.06 2.43 -15.95
CA ASP B 8 -50.31 1.62 -14.76
C ASP B 8 -49.88 0.18 -14.97
N VAL B 9 -50.04 -0.32 -16.19
CA VAL B 9 -49.74 -1.71 -16.51
C VAL B 9 -48.23 -1.95 -16.50
N GLU B 10 -47.45 -0.88 -16.43
CA GLU B 10 -46.00 -0.99 -16.41
C GLU B 10 -45.46 -1.10 -14.99
N GLU B 11 -46.36 -1.32 -14.04
CA GLU B 11 -45.95 -1.53 -12.65
C GLU B 11 -45.49 -2.96 -12.46
N ASP B 12 -45.93 -3.85 -13.35
CA ASP B 12 -45.44 -5.22 -13.33
C ASP B 12 -44.01 -5.24 -13.88
N VAL B 13 -43.75 -4.39 -14.87
CA VAL B 13 -42.40 -4.20 -15.39
C VAL B 13 -41.48 -3.68 -14.29
N LYS B 14 -42.01 -2.78 -13.47
CA LYS B 14 -41.30 -2.30 -12.29
C LYS B 14 -40.91 -3.47 -11.39
N GLY B 15 -41.86 -4.39 -11.18
CA GLY B 15 -41.60 -5.59 -10.42
C GLY B 15 -40.75 -6.56 -11.21
N LYS B 16 -40.91 -6.54 -12.53
CA LYS B 16 -40.13 -7.38 -13.42
C LYS B 16 -38.68 -6.91 -13.46
N LEU B 17 -38.47 -5.61 -13.30
CA LEU B 17 -37.14 -5.05 -13.22
C LEU B 17 -36.49 -5.43 -11.89
N ASP B 18 -37.31 -5.55 -10.85
CA ASP B 18 -36.83 -6.00 -9.55
C ASP B 18 -36.48 -7.48 -9.60
N GLU B 19 -37.24 -8.24 -10.37
CA GLU B 19 -36.96 -9.66 -10.56
C GLU B 19 -35.66 -9.84 -11.35
N TRP B 20 -35.42 -8.96 -12.31
CA TRP B 20 -34.19 -9.00 -13.10
C TRP B 20 -33.00 -8.63 -12.24
N LEU B 21 -33.25 -7.83 -11.19
CA LEU B 21 -32.19 -7.42 -10.28
C LEU B 21 -31.71 -8.61 -9.46
N ASN B 22 -32.65 -9.43 -9.00
CA ASN B 22 -32.32 -10.62 -8.23
C ASN B 22 -31.50 -11.61 -9.04
N ALA B 23 -31.86 -11.76 -10.30
CA ALA B 23 -31.16 -12.67 -11.20
C ALA B 23 -29.75 -12.16 -11.51
N LEU B 24 -29.57 -10.85 -11.45
CA LEU B 24 -28.27 -10.23 -11.73
C LEU B 24 -27.35 -10.26 -10.51
N VAL B 25 -27.95 -10.25 -9.32
CA VAL B 25 -27.19 -10.30 -8.09
C VAL B 25 -26.68 -11.72 -7.84
N HIS B 26 -27.58 -12.69 -7.91
CA HIS B 26 -27.23 -14.09 -7.67
C HIS B 26 -26.68 -14.77 -8.93
N LEU B 27 -26.60 -13.99 -10.00
CA LEU B 27 -25.99 -14.42 -11.27
C LEU B 27 -26.64 -15.67 -11.86
N ASP B 28 -27.97 -15.76 -11.78
CA ASP B 28 -28.70 -16.81 -12.46
C ASP B 28 -28.82 -16.47 -13.94
N LYS B 29 -27.77 -16.79 -14.70
CA LYS B 29 -27.67 -16.41 -16.11
C LYS B 29 -28.85 -16.86 -16.96
N GLN B 30 -29.41 -18.03 -16.62
CA GLN B 30 -30.52 -18.57 -17.39
C GLN B 30 -31.77 -17.73 -17.20
N GLN B 31 -31.90 -17.12 -16.02
CA GLN B 31 -33.03 -16.25 -15.72
C GLN B 31 -32.77 -14.83 -16.19
N VAL B 32 -31.50 -14.43 -16.24
CA VAL B 32 -31.13 -13.11 -16.71
C VAL B 32 -31.48 -12.94 -18.18
N GLU B 33 -31.17 -13.95 -18.97
CA GLU B 33 -31.38 -13.90 -20.41
C GLU B 33 -32.85 -13.88 -20.79
N ARG B 34 -33.67 -14.68 -20.10
CA ARG B 34 -35.08 -14.76 -20.44
C ARG B 34 -35.81 -13.47 -20.11
N ILE B 35 -35.39 -12.81 -19.03
CA ILE B 35 -36.00 -11.54 -18.63
C ILE B 35 -35.51 -10.41 -19.52
N TYR B 36 -34.22 -10.45 -19.87
CA TYR B 36 -33.64 -9.45 -20.74
C TYR B 36 -34.34 -9.41 -22.10
N GLU B 37 -34.72 -10.58 -22.60
CA GLU B 37 -35.44 -10.66 -23.87
C GLU B 37 -36.88 -10.21 -23.69
N GLU B 38 -37.52 -10.66 -22.62
CA GLU B 38 -38.90 -10.29 -22.32
C GLU B 38 -39.06 -8.79 -22.11
N LEU B 39 -38.02 -8.16 -21.56
CA LEU B 39 -38.07 -6.74 -21.27
C LEU B 39 -37.92 -5.90 -22.54
N GLN B 40 -37.00 -6.29 -23.42
CA GLN B 40 -36.72 -5.54 -24.64
C GLN B 40 -37.97 -5.21 -25.45
N GLY B 41 -38.96 -6.10 -25.40
CA GLY B 41 -40.23 -5.85 -26.06
C GLY B 41 -41.13 -4.95 -25.24
N GLU B 42 -41.10 -5.14 -23.92
CA GLU B 42 -41.96 -4.36 -23.03
C GLU B 42 -41.33 -3.02 -22.63
N MET B 43 -40.03 -2.89 -22.83
CA MET B 43 -39.33 -1.64 -22.48
C MET B 43 -39.58 -0.55 -23.52
N LYS B 44 -39.98 -0.96 -24.72
CA LYS B 44 -40.23 -0.01 -25.80
C LYS B 44 -41.51 0.77 -25.54
N HIS B 45 -42.44 0.16 -24.83
CA HIS B 45 -43.75 0.77 -24.59
C HIS B 45 -43.74 1.71 -23.40
N VAL B 46 -43.12 1.29 -22.30
CA VAL B 46 -43.08 2.09 -21.08
C VAL B 46 -42.20 3.32 -21.26
N LEU B 47 -42.70 4.48 -20.82
CA LEU B 47 -41.96 5.73 -20.96
C LEU B 47 -41.96 6.53 -19.65
N ASP B 48 -41.68 5.84 -18.55
CA ASP B 48 -41.44 6.50 -17.27
C ASP B 48 -39.95 6.40 -16.97
N PHE B 49 -39.28 7.54 -16.88
CA PHE B 49 -37.83 7.56 -16.83
C PHE B 49 -37.24 7.06 -15.52
N GLU B 50 -38.04 6.98 -14.47
CA GLU B 50 -37.59 6.37 -13.22
C GLU B 50 -37.70 4.86 -13.35
N ILE B 51 -38.42 4.42 -14.37
CA ILE B 51 -38.53 3.00 -14.70
C ILE B 51 -37.58 2.67 -15.85
N ILE B 52 -37.36 3.65 -16.73
CA ILE B 52 -36.46 3.45 -17.86
C ILE B 52 -35.00 3.48 -17.44
N ASN B 53 -34.62 4.46 -16.63
CA ASN B 53 -33.26 4.54 -16.12
C ASN B 53 -32.94 3.37 -15.20
N TYR B 54 -34.00 2.77 -14.65
CA TYR B 54 -33.87 1.54 -13.88
C TYR B 54 -33.29 0.45 -14.78
N TYR B 55 -33.98 0.22 -15.91
CA TYR B 55 -33.54 -0.78 -16.88
C TYR B 55 -32.16 -0.46 -17.46
N LYS B 56 -31.91 0.83 -17.69
CA LYS B 56 -30.65 1.27 -18.29
C LYS B 56 -29.46 0.95 -17.39
N LEU B 57 -29.67 1.05 -16.08
CA LEU B 57 -28.60 0.76 -15.13
C LEU B 57 -28.44 -0.73 -14.88
N LEU B 58 -29.54 -1.46 -14.92
CA LEU B 58 -29.50 -2.91 -14.81
C LEU B 58 -28.84 -3.52 -16.03
N TYR B 59 -28.93 -2.82 -17.17
CA TYR B 59 -28.29 -3.26 -18.39
C TYR B 59 -26.78 -3.22 -18.23
N THR B 60 -26.30 -2.21 -17.51
CA THR B 60 -24.87 -2.08 -17.24
C THR B 60 -24.40 -3.24 -16.38
N ARG B 61 -25.27 -3.65 -15.45
CA ARG B 61 -25.00 -4.81 -14.61
C ARG B 61 -25.03 -6.08 -15.46
N TYR B 62 -25.88 -6.08 -16.49
CA TYR B 62 -25.95 -7.19 -17.43
C TYR B 62 -24.70 -7.24 -18.31
N LEU B 63 -24.13 -6.08 -18.61
CA LEU B 63 -22.96 -6.00 -19.49
C LEU B 63 -21.71 -6.54 -18.83
N ILE B 64 -21.58 -6.35 -17.52
CA ILE B 64 -20.41 -6.84 -16.81
C ILE B 64 -20.46 -8.36 -16.71
N MET B 65 -21.68 -8.90 -16.75
CA MET B 65 -21.86 -10.35 -16.77
C MET B 65 -21.47 -10.88 -18.14
N LYS B 66 -21.76 -10.09 -19.16
CA LYS B 66 -21.39 -10.43 -20.53
C LYS B 66 -19.98 -9.92 -20.85
N ARG B 67 -19.23 -9.62 -19.80
CA ARG B 67 -17.83 -9.17 -19.86
C ARG B 67 -17.51 -8.18 -21.00
N ASP B 68 -18.49 -7.36 -21.38
CA ASP B 68 -18.31 -6.39 -22.46
C ASP B 68 -17.84 -5.05 -21.92
N ILE B 69 -16.53 -4.83 -21.95
CA ILE B 69 -15.93 -3.60 -21.43
C ILE B 69 -16.29 -2.39 -22.28
N SER B 70 -16.12 -2.54 -23.60
CA SER B 70 -16.34 -1.45 -24.55
C SER B 70 -17.78 -0.94 -24.50
N ALA B 71 -18.74 -1.86 -24.53
CA ALA B 71 -20.15 -1.50 -24.49
C ALA B 71 -20.51 -0.90 -23.13
N LEU B 72 -19.82 -1.37 -22.09
CA LEU B 72 -20.05 -0.86 -20.74
C LEU B 72 -19.59 0.59 -20.64
N GLU B 73 -18.39 0.86 -21.16
CA GLU B 73 -17.85 2.21 -21.20
C GLU B 73 -18.77 3.16 -21.94
N GLU B 74 -19.35 2.68 -23.04
CA GLU B 74 -20.27 3.48 -23.85
C GLU B 74 -21.50 3.90 -23.04
N GLU B 75 -22.19 2.92 -22.48
CA GLU B 75 -23.42 3.18 -21.73
C GLU B 75 -23.14 3.96 -20.44
N LEU B 76 -22.07 3.59 -19.74
CA LEU B 76 -21.73 4.22 -18.47
C LEU B 76 -21.40 5.70 -18.66
N ASP B 77 -20.94 6.06 -19.85
CA ASP B 77 -20.66 7.45 -20.16
C ASP B 77 -21.95 8.19 -20.52
N LYS B 78 -22.92 7.47 -21.04
CA LYS B 78 -24.22 8.05 -21.38
C LYS B 78 -25.01 8.41 -20.11
N LEU B 79 -25.04 7.49 -19.16
CA LEU B 79 -25.76 7.69 -17.91
C LEU B 79 -25.08 8.73 -17.02
N LYS B 80 -23.82 9.03 -17.34
CA LYS B 80 -23.00 9.92 -16.55
C LYS B 80 -23.63 11.29 -16.35
N LYS B 81 -24.17 11.84 -17.44
CA LYS B 81 -24.75 13.18 -17.41
C LYS B 81 -26.13 13.20 -16.75
N VAL B 82 -26.82 12.07 -16.78
CA VAL B 82 -28.18 11.99 -16.25
C VAL B 82 -28.16 11.68 -14.76
N TYR B 83 -26.95 11.48 -14.21
CA TYR B 83 -26.78 11.06 -12.82
C TYR B 83 -27.48 11.95 -11.79
N LYS B 84 -27.55 13.24 -12.09
CA LYS B 84 -28.12 14.22 -11.17
C LYS B 84 -29.56 13.90 -10.76
N LYS B 85 -30.35 13.44 -11.73
CA LYS B 85 -31.78 13.25 -11.52
C LYS B 85 -32.16 11.80 -11.19
N TYR B 86 -31.20 11.03 -10.70
CA TYR B 86 -31.46 9.63 -10.36
C TYR B 86 -32.01 9.45 -8.95
N SER B 87 -32.62 8.30 -8.71
CA SER B 87 -33.02 7.88 -7.38
C SER B 87 -31.77 7.48 -6.59
N PRO B 88 -31.81 7.61 -5.25
CA PRO B 88 -30.67 7.20 -4.43
C PRO B 88 -30.23 5.76 -4.67
N PHE B 89 -31.15 4.90 -5.11
CA PHE B 89 -30.80 3.53 -5.46
C PHE B 89 -30.26 3.48 -6.88
N GLN B 90 -30.79 4.32 -7.76
CA GLN B 90 -30.28 4.40 -9.12
C GLN B 90 -28.91 5.07 -9.14
N LYS B 91 -28.70 6.03 -8.24
CA LYS B 91 -27.39 6.66 -8.07
C LYS B 91 -26.39 5.60 -7.63
N LEU B 92 -26.85 4.71 -6.76
CA LEU B 92 -26.05 3.62 -6.22
C LEU B 92 -25.53 2.71 -7.32
N LEU B 93 -26.39 2.37 -8.27
CA LEU B 93 -26.04 1.43 -9.32
C LEU B 93 -24.98 1.99 -10.26
N TYR B 94 -25.00 3.30 -10.47
CA TYR B 94 -24.02 3.94 -11.35
C TYR B 94 -22.62 3.86 -10.75
N MET B 95 -22.51 4.16 -9.46
CA MET B 95 -21.24 4.09 -8.75
C MET B 95 -20.73 2.66 -8.74
N TYR B 96 -21.65 1.72 -8.61
CA TYR B 96 -21.31 0.30 -8.61
C TYR B 96 -20.77 -0.12 -9.97
N GLY B 97 -21.47 0.27 -11.02
CA GLY B 97 -21.08 -0.08 -12.38
C GLY B 97 -19.72 0.42 -12.79
N ARG B 98 -19.39 1.65 -12.39
CA ARG B 98 -18.10 2.23 -12.73
C ARG B 98 -16.97 1.54 -11.98
N GLY B 99 -17.26 1.15 -10.74
CA GLY B 99 -16.29 0.41 -9.94
C GLY B 99 -15.93 -0.89 -10.60
N LEU B 100 -16.95 -1.65 -11.00
CA LEU B 100 -16.76 -2.92 -11.69
C LEU B 100 -16.07 -2.72 -13.03
N LEU B 101 -16.36 -1.60 -13.68
CA LEU B 101 -15.71 -1.26 -14.95
C LEU B 101 -14.21 -1.08 -14.74
N CYS B 102 -13.84 -0.30 -13.73
CA CYS B 102 -12.44 -0.05 -13.42
C CYS B 102 -11.76 -1.34 -12.97
N CYS B 103 -12.51 -2.19 -12.29
CA CYS B 103 -12.01 -3.50 -11.88
C CYS B 103 -11.79 -4.38 -13.10
N LEU B 104 -12.65 -4.25 -14.08
CA LEU B 104 -12.51 -4.97 -15.34
C LEU B 104 -11.39 -4.36 -16.18
N GLN B 105 -11.12 -3.08 -15.97
CA GLN B 105 -10.02 -2.39 -16.64
C GLN B 105 -8.77 -2.42 -15.78
N TYR B 106 -8.85 -3.12 -14.65
CA TYR B 106 -7.74 -3.29 -13.71
C TYR B 106 -7.25 -1.96 -13.13
N ARG B 107 -8.13 -0.96 -13.13
CA ARG B 107 -7.87 0.30 -12.45
C ARG B 107 -8.36 0.17 -11.01
N TRP B 108 -7.64 -0.60 -10.22
CA TRP B 108 -8.13 -1.01 -8.89
C TRP B 108 -8.28 0.15 -7.92
N LYS B 109 -7.46 1.19 -8.07
CA LYS B 109 -7.56 2.35 -7.19
C LYS B 109 -8.82 3.15 -7.51
N ASP B 110 -9.06 3.35 -8.80
CA ASP B 110 -10.24 4.08 -9.24
C ASP B 110 -11.52 3.31 -8.94
N GLY B 111 -11.46 1.99 -9.11
CA GLY B 111 -12.60 1.14 -8.83
C GLY B 111 -12.94 1.10 -7.35
N LEU B 112 -11.92 1.11 -6.52
CA LEU B 112 -12.12 1.07 -5.07
C LEU B 112 -12.85 2.30 -4.57
N ASP B 113 -12.54 3.46 -5.15
CA ASP B 113 -13.21 4.71 -4.79
C ASP B 113 -14.70 4.61 -5.06
N TYR B 114 -15.05 4.09 -6.23
CA TYR B 114 -16.43 3.88 -6.61
C TYR B 114 -17.12 2.85 -5.72
N LEU B 115 -16.43 1.75 -5.47
CA LEU B 115 -16.99 0.65 -4.70
C LEU B 115 -17.20 1.03 -3.24
N LEU B 116 -16.34 1.92 -2.73
CA LEU B 116 -16.48 2.37 -1.35
C LEU B 116 -17.69 3.29 -1.20
N LYS B 117 -17.89 4.17 -2.18
CA LYS B 117 -19.08 5.00 -2.21
C LYS B 117 -20.31 4.13 -2.35
N THR B 118 -20.18 3.05 -3.10
CA THR B 118 -21.26 2.10 -3.30
C THR B 118 -21.67 1.49 -1.96
N GLU B 119 -20.71 1.32 -1.06
CA GLU B 119 -20.99 0.77 0.27
C GLU B 119 -21.72 1.78 1.14
N VAL B 120 -21.23 3.02 1.16
CA VAL B 120 -21.77 4.04 2.06
C VAL B 120 -23.18 4.44 1.65
N MET B 121 -23.52 4.26 0.38
CA MET B 121 -24.87 4.53 -0.10
C MET B 121 -25.79 3.40 0.29
N ALA B 122 -25.30 2.17 0.15
CA ALA B 122 -26.09 0.98 0.49
C ALA B 122 -26.46 0.98 1.97
N LYS B 123 -25.56 1.46 2.81
CA LYS B 123 -25.81 1.52 4.24
C LYS B 123 -26.89 2.54 4.58
N GLU B 124 -26.84 3.69 3.91
CA GLU B 124 -27.77 4.78 4.16
C GLU B 124 -29.22 4.37 3.91
N GLN B 125 -29.47 3.78 2.75
CA GLN B 125 -30.82 3.38 2.36
C GLN B 125 -31.12 1.94 2.77
N GLY B 126 -30.25 1.36 3.58
CA GLY B 126 -30.45 0.02 4.12
C GLY B 126 -30.52 -1.06 3.06
N TYR B 127 -29.54 -1.08 2.17
CA TYR B 127 -29.47 -2.08 1.12
C TYR B 127 -28.22 -2.95 1.28
N HIS B 128 -28.34 -4.21 0.93
CA HIS B 128 -27.21 -5.13 1.06
C HIS B 128 -27.06 -6.05 -0.14
N GLU B 129 -25.82 -6.26 -0.55
CA GLU B 129 -25.49 -7.21 -1.61
C GLU B 129 -24.14 -7.84 -1.31
N THR B 130 -24.14 -9.15 -1.10
CA THR B 130 -22.94 -9.87 -0.66
C THR B 130 -21.81 -9.77 -1.68
N GLY B 131 -22.17 -9.68 -2.96
CA GLY B 131 -21.19 -9.52 -4.01
C GLY B 131 -20.38 -8.24 -3.89
N LEU B 132 -20.98 -7.20 -3.32
CA LEU B 132 -20.31 -5.91 -3.15
C LEU B 132 -19.09 -6.02 -2.25
N TYR B 133 -19.26 -6.71 -1.12
CA TYR B 133 -18.17 -6.89 -0.17
C TYR B 133 -17.02 -7.63 -0.82
N TYR B 134 -17.34 -8.64 -1.63
CA TYR B 134 -16.35 -9.44 -2.33
C TYR B 134 -15.52 -8.59 -3.28
N ASN B 135 -16.20 -7.80 -4.11
CA ASN B 135 -15.53 -6.90 -5.05
C ASN B 135 -14.62 -5.90 -4.35
N ILE B 136 -15.10 -5.36 -3.23
CA ILE B 136 -14.29 -4.45 -2.42
C ILE B 136 -13.04 -5.18 -1.91
N ALA B 137 -13.25 -6.40 -1.42
CA ALA B 137 -12.16 -7.25 -0.95
C ALA B 137 -11.20 -7.59 -2.09
N LEU B 138 -11.75 -7.91 -3.25
CA LEU B 138 -10.94 -8.19 -4.43
C LEU B 138 -10.18 -6.95 -4.87
N ALA B 139 -10.79 -5.78 -4.66
CA ALA B 139 -10.16 -4.52 -5.03
C ALA B 139 -8.94 -4.26 -4.15
N TYR B 140 -9.17 -4.28 -2.84
CA TYR B 140 -8.11 -4.11 -1.86
C TYR B 140 -6.98 -5.11 -2.07
N THR B 141 -7.33 -6.35 -2.38
CA THR B 141 -6.35 -7.42 -2.54
C THR B 141 -5.45 -7.18 -3.76
N HIS B 142 -6.05 -6.84 -4.90
CA HIS B 142 -5.28 -6.67 -6.13
C HIS B 142 -4.37 -5.43 -6.08
N LEU B 143 -4.58 -4.55 -5.09
CA LEU B 143 -3.69 -3.41 -4.89
C LEU B 143 -2.94 -3.47 -3.54
N ASP B 144 -2.94 -4.65 -2.91
CA ASP B 144 -2.00 -5.02 -1.85
C ASP B 144 -2.28 -4.44 -0.45
N ILE B 145 -3.53 -4.13 -0.14
CA ILE B 145 -3.88 -3.77 1.24
C ILE B 145 -4.46 -4.98 1.96
N HIS B 146 -3.64 -5.64 2.77
CA HIS B 146 -3.99 -6.93 3.37
C HIS B 146 -5.11 -6.87 4.40
N HIS B 147 -4.93 -6.01 5.40
CA HIS B 147 -5.87 -5.92 6.52
C HIS B 147 -7.30 -5.59 6.09
N LEU B 148 -7.43 -4.63 5.19
CA LEU B 148 -8.76 -4.20 4.75
C LEU B 148 -9.39 -5.24 3.84
N ALA B 149 -8.56 -5.91 3.03
CA ALA B 149 -9.06 -6.96 2.15
C ALA B 149 -9.64 -8.11 2.95
N ILE B 150 -8.91 -8.53 3.98
CA ILE B 150 -9.35 -9.63 4.83
C ILE B 150 -10.65 -9.27 5.54
N HIS B 151 -10.78 -8.00 5.93
CA HIS B 151 -11.97 -7.52 6.60
C HIS B 151 -13.23 -7.74 5.79
N PHE B 152 -13.20 -7.29 4.54
CA PHE B 152 -14.38 -7.38 3.67
C PHE B 152 -14.60 -8.80 3.16
N VAL B 153 -13.53 -9.54 2.94
CA VAL B 153 -13.66 -10.89 2.38
C VAL B 153 -14.26 -11.85 3.41
N ASN B 154 -14.17 -11.49 4.69
CA ASN B 154 -14.81 -12.27 5.74
C ASN B 154 -16.31 -12.03 5.73
N MET B 155 -16.70 -10.77 5.67
CA MET B 155 -18.11 -10.39 5.61
C MET B 155 -18.75 -10.96 4.36
N ALA B 156 -17.99 -10.99 3.27
CA ALA B 156 -18.44 -11.59 2.03
C ALA B 156 -18.62 -13.09 2.22
N LEU B 157 -17.67 -13.72 2.89
CA LEU B 157 -17.70 -15.15 3.13
C LEU B 157 -18.85 -15.52 4.05
N GLU B 158 -19.10 -14.69 5.07
CA GLU B 158 -20.19 -14.92 6.00
C GLU B 158 -21.53 -14.92 5.28
N GLY B 159 -21.73 -13.94 4.41
CA GLY B 159 -22.95 -13.84 3.65
C GLY B 159 -23.10 -14.94 2.62
N PHE B 160 -21.98 -15.34 2.03
CA PHE B 160 -21.98 -16.39 1.00
C PHE B 160 -22.34 -17.76 1.58
N ARG B 161 -21.99 -17.98 2.84
CA ARG B 161 -22.35 -19.23 3.51
C ARG B 161 -23.84 -19.26 3.80
N SER B 162 -24.42 -18.09 4.09
CA SER B 162 -25.84 -18.00 4.36
C SER B 162 -26.64 -18.19 3.08
N GLU B 163 -26.02 -17.86 1.94
CA GLU B 163 -26.66 -18.02 0.65
C GLU B 163 -26.37 -19.40 0.07
N ALA B 164 -25.48 -20.14 0.74
CA ALA B 164 -25.15 -21.52 0.39
C ALA B 164 -24.69 -21.67 -1.06
N LYS B 165 -23.93 -20.70 -1.55
CA LYS B 165 -23.35 -20.80 -2.88
C LYS B 165 -21.87 -21.17 -2.80
N ALA B 166 -21.57 -22.44 -3.05
CA ALA B 166 -20.24 -23.00 -2.84
C ALA B 166 -19.17 -22.37 -3.74
N ARG B 167 -19.57 -21.93 -4.93
CA ARG B 167 -18.63 -21.33 -5.88
C ARG B 167 -17.96 -20.08 -5.29
N ASN B 168 -18.78 -19.23 -4.67
CA ASN B 168 -18.28 -18.00 -4.07
C ASN B 168 -17.52 -18.26 -2.78
N ILE B 169 -17.91 -19.33 -2.07
CA ILE B 169 -17.23 -19.74 -0.84
C ILE B 169 -15.75 -19.97 -1.10
N ILE B 170 -15.46 -20.78 -2.12
CA ILE B 170 -14.10 -21.08 -2.50
C ILE B 170 -13.36 -19.83 -2.94
N ASN B 171 -14.02 -18.99 -3.74
CA ASN B 171 -13.43 -17.75 -4.22
C ASN B 171 -12.93 -16.86 -3.09
N CYS B 172 -13.69 -16.82 -2.01
CA CYS B 172 -13.26 -16.10 -0.81
C CYS B 172 -12.11 -16.81 -0.13
N GLN B 173 -12.22 -18.13 -0.03
CA GLN B 173 -11.20 -18.94 0.63
C GLN B 173 -9.87 -18.87 -0.11
N ILE B 174 -9.95 -18.80 -1.44
CA ILE B 174 -8.74 -18.67 -2.25
C ILE B 174 -8.04 -17.34 -1.94
N LEU B 175 -8.81 -16.26 -1.95
CA LEU B 175 -8.28 -14.94 -1.64
C LEU B 175 -7.65 -14.88 -0.26
N ILE B 176 -8.32 -15.49 0.73
CA ILE B 176 -7.81 -15.54 2.09
C ILE B 176 -6.46 -16.24 2.13
N ALA B 177 -6.39 -17.40 1.49
CA ALA B 177 -5.18 -18.21 1.49
C ALA B 177 -4.05 -17.51 0.75
N VAL B 178 -4.40 -16.78 -0.31
CA VAL B 178 -3.40 -16.05 -1.09
C VAL B 178 -2.77 -14.93 -0.26
N SER B 179 -3.62 -14.18 0.45
CA SER B 179 -3.16 -13.05 1.25
C SER B 179 -2.19 -13.47 2.36
N TYR B 180 -2.52 -14.55 3.06
CA TYR B 180 -1.68 -15.04 4.13
C TYR B 180 -0.41 -15.70 3.60
N THR B 181 -0.39 -15.94 2.29
CA THR B 181 0.78 -16.51 1.63
C THR B 181 1.75 -15.40 1.22
N GLU B 182 1.19 -14.28 0.78
CA GLU B 182 1.99 -13.14 0.33
C GLU B 182 2.87 -12.61 1.45
N LYS B 183 2.32 -12.59 2.66
CA LYS B 183 3.09 -12.18 3.84
C LYS B 183 2.49 -12.83 5.08
N GLY B 184 3.00 -14.01 5.42
CA GLY B 184 2.51 -14.74 6.57
C GLY B 184 2.86 -16.22 6.50
N GLN B 185 2.45 -16.97 7.52
CA GLN B 185 2.74 -18.40 7.58
C GLN B 185 1.94 -19.15 6.53
N TYR B 186 2.56 -20.17 5.96
CA TYR B 186 1.94 -20.98 4.92
C TYR B 186 1.08 -22.08 5.51
N GLU B 187 1.37 -22.46 6.75
CA GLU B 187 0.65 -23.52 7.43
C GLU B 187 -0.82 -23.14 7.63
N GLU B 188 -1.07 -21.85 7.75
CA GLU B 188 -2.44 -21.34 7.88
C GLU B 188 -3.08 -21.26 6.51
N ALA B 189 -2.27 -20.96 5.49
CA ALA B 189 -2.76 -20.85 4.13
C ALA B 189 -2.97 -22.21 3.48
N LEU B 190 -2.16 -23.19 3.89
CA LEU B 190 -2.27 -24.54 3.34
C LEU B 190 -3.56 -25.22 3.78
N LYS B 191 -3.97 -24.99 5.02
CA LYS B 191 -5.19 -25.59 5.52
C LYS B 191 -6.41 -25.00 4.81
N MET B 192 -6.30 -23.76 4.38
CA MET B 192 -7.37 -23.12 3.62
C MET B 192 -7.49 -23.78 2.26
N TYR B 193 -6.35 -24.02 1.62
CA TYR B 193 -6.31 -24.75 0.36
C TYR B 193 -6.77 -26.20 0.55
N GLU B 194 -6.37 -26.78 1.68
CA GLU B 194 -6.75 -28.15 2.01
C GLU B 194 -8.26 -28.24 2.23
N SER B 195 -8.84 -27.18 2.76
CA SER B 195 -10.28 -27.12 2.98
C SER B 195 -11.04 -27.10 1.67
N ILE B 196 -10.42 -26.51 0.65
CA ILE B 196 -11.01 -26.42 -0.68
C ILE B 196 -11.10 -27.80 -1.33
N LEU B 197 -10.04 -28.58 -1.18
CA LEU B 197 -9.98 -29.90 -1.79
C LEU B 197 -10.97 -30.86 -1.14
N ARG B 198 -11.10 -30.79 0.18
CA ARG B 198 -12.03 -31.64 0.92
C ARG B 198 -13.47 -31.34 0.52
N GLU B 199 -13.71 -30.10 0.10
CA GLU B 199 -15.04 -29.66 -0.30
C GLU B 199 -15.56 -30.45 -1.50
N ALA B 200 -16.77 -30.97 -1.39
CA ALA B 200 -17.30 -31.88 -2.40
C ALA B 200 -18.71 -31.50 -2.89
N THR B 201 -18.88 -30.25 -3.34
CA THR B 201 -20.10 -29.85 -4.03
C THR B 201 -19.76 -29.54 -5.48
N SER B 202 -20.26 -30.37 -6.39
CA SER B 202 -19.94 -30.21 -7.81
C SER B 202 -20.72 -29.08 -8.44
N PHE B 203 -20.01 -28.15 -9.08
CA PHE B 203 -20.64 -27.06 -9.80
C PHE B 203 -19.87 -26.73 -11.06
N ALA B 204 -20.35 -25.74 -11.81
CA ALA B 204 -19.73 -25.35 -13.07
C ALA B 204 -18.36 -24.73 -12.84
N ASP B 205 -17.36 -25.24 -13.57
CA ASP B 205 -16.00 -24.72 -13.53
C ASP B 205 -15.35 -24.82 -12.15
N LYS B 206 -15.73 -25.85 -11.39
CA LYS B 206 -15.09 -26.11 -10.11
C LYS B 206 -13.64 -26.53 -10.36
N ASP B 207 -13.45 -27.25 -11.47
CA ASP B 207 -12.13 -27.74 -11.86
C ASP B 207 -11.17 -26.58 -12.17
N VAL B 208 -11.73 -25.45 -12.59
CA VAL B 208 -10.94 -24.26 -12.83
C VAL B 208 -10.36 -23.73 -11.52
N LEU B 209 -11.18 -23.76 -10.47
CA LEU B 209 -10.76 -23.27 -9.16
C LEU B 209 -9.76 -24.23 -8.52
N LEU B 210 -9.98 -25.53 -8.70
CA LEU B 210 -9.07 -26.52 -8.15
C LEU B 210 -7.70 -26.47 -8.82
N ALA B 211 -7.69 -26.11 -10.10
CA ALA B 211 -6.45 -25.96 -10.85
C ALA B 211 -5.61 -24.85 -10.23
N ILE B 212 -6.27 -23.76 -9.84
CA ILE B 212 -5.59 -22.65 -9.18
C ILE B 212 -5.16 -23.05 -7.78
N THR B 213 -6.04 -23.73 -7.06
CA THR B 213 -5.76 -24.19 -5.70
C THR B 213 -4.50 -25.04 -5.65
N LEU B 214 -4.41 -25.99 -6.58
CA LEU B 214 -3.24 -26.87 -6.66
C LEU B 214 -1.99 -26.13 -7.09
N SER B 215 -2.16 -25.16 -7.99
CA SER B 215 -1.06 -24.35 -8.48
C SER B 215 -0.36 -23.59 -7.35
N ASN B 216 -1.16 -23.06 -6.43
CA ASN B 216 -0.63 -22.30 -5.30
C ASN B 216 0.05 -23.20 -4.28
N MET B 217 -0.55 -24.37 -4.04
CA MET B 217 0.03 -25.33 -3.12
C MET B 217 1.38 -25.81 -3.63
N GLY B 218 1.50 -25.93 -4.95
CA GLY B 218 2.78 -26.27 -5.56
C GLY B 218 3.81 -25.20 -5.28
N SER B 219 3.36 -23.95 -5.25
CA SER B 219 4.26 -22.82 -5.01
C SER B 219 4.64 -22.74 -3.53
N ILE B 220 3.67 -23.00 -2.66
CA ILE B 220 3.92 -22.99 -1.22
C ILE B 220 4.97 -24.03 -0.84
N TYR B 221 4.78 -25.26 -1.29
CA TYR B 221 5.72 -26.34 -0.98
C TYR B 221 7.07 -26.14 -1.65
N TYR B 222 7.07 -25.43 -2.78
CA TYR B 222 8.33 -25.11 -3.45
C TYR B 222 9.16 -24.16 -2.59
N LYS B 223 8.50 -23.23 -1.94
CA LYS B 223 9.19 -22.29 -1.06
C LYS B 223 9.63 -23.00 0.22
N LYS B 224 8.87 -24.01 0.63
CA LYS B 224 9.19 -24.75 1.85
C LYS B 224 10.29 -25.79 1.61
N GLY B 225 10.75 -25.91 0.38
CA GLY B 225 11.82 -26.82 0.03
C GLY B 225 11.32 -28.21 -0.31
N LYS B 226 10.09 -28.50 0.09
CA LYS B 226 9.48 -29.80 -0.19
C LYS B 226 9.13 -29.94 -1.67
N TYR B 227 10.10 -30.37 -2.45
CA TYR B 227 10.00 -30.37 -3.91
C TYR B 227 9.14 -31.51 -4.47
N GLN B 228 9.24 -32.68 -3.87
CA GLN B 228 8.50 -33.84 -4.37
C GLN B 228 6.99 -33.60 -4.30
N GLN B 229 6.53 -33.08 -3.17
CA GLN B 229 5.11 -32.79 -3.01
C GLN B 229 4.68 -31.70 -3.98
N ALA B 230 5.48 -30.65 -4.07
CA ALA B 230 5.20 -29.52 -4.94
C ALA B 230 4.98 -29.94 -6.39
N LYS B 231 5.77 -30.91 -6.85
CA LYS B 231 5.69 -31.36 -8.23
C LYS B 231 4.37 -32.06 -8.52
N LYS B 232 3.88 -32.83 -7.55
CA LYS B 232 2.61 -33.52 -7.70
C LYS B 232 1.46 -32.53 -7.81
N TYR B 233 1.56 -31.42 -7.06
CA TYR B 233 0.52 -30.39 -7.08
C TYR B 233 0.53 -29.62 -8.40
N TYR B 234 1.73 -29.31 -8.87
CA TYR B 234 1.90 -28.71 -10.19
C TYR B 234 1.35 -29.62 -11.29
N LEU B 235 1.68 -30.91 -11.19
CA LEU B 235 1.25 -31.89 -12.17
C LEU B 235 -0.27 -31.98 -12.23
N ASP B 236 -0.89 -32.17 -11.07
CA ASP B 236 -2.35 -32.22 -10.96
C ASP B 236 -3.00 -30.95 -11.49
N SER B 237 -2.36 -29.80 -11.24
CA SER B 237 -2.87 -28.53 -11.73
C SER B 237 -2.94 -28.54 -13.25
N LEU B 238 -1.79 -28.78 -13.88
CA LEU B 238 -1.66 -28.83 -15.34
C LEU B 238 -2.75 -29.67 -16.01
N GLN B 239 -3.03 -30.85 -15.46
CA GLN B 239 -3.99 -31.76 -16.07
C GLN B 239 -5.42 -31.27 -15.84
N LEU B 240 -5.60 -30.43 -14.81
CA LEU B 240 -6.87 -29.79 -14.56
C LEU B 240 -7.07 -28.60 -15.48
N GLN B 241 -5.99 -27.93 -15.85
CA GLN B 241 -6.05 -26.73 -16.69
C GLN B 241 -6.56 -27.06 -18.10
N LYS B 242 -7.57 -26.33 -18.55
CA LYS B 242 -8.19 -26.57 -19.85
C LYS B 242 -7.86 -25.44 -20.83
N GLN B 243 -7.14 -24.44 -20.35
CA GLN B 243 -6.87 -23.24 -21.13
C GLN B 243 -5.38 -23.07 -21.43
N ILE B 244 -5.02 -21.88 -21.92
CA ILE B 244 -3.64 -21.57 -22.26
C ILE B 244 -3.29 -20.19 -21.71
N ASP B 245 -4.05 -19.76 -20.70
CA ASP B 245 -3.91 -18.44 -20.10
C ASP B 245 -2.57 -18.23 -19.39
N LEU B 246 -2.44 -17.08 -18.74
CA LEU B 246 -1.21 -16.72 -18.03
C LEU B 246 -0.91 -17.68 -16.87
N ASN B 247 -1.97 -18.11 -16.19
CA ASN B 247 -1.83 -19.02 -15.06
C ASN B 247 -1.26 -20.37 -15.46
N TYR B 248 -1.48 -20.76 -16.72
CA TYR B 248 -0.97 -22.01 -17.23
C TYR B 248 0.54 -21.94 -17.46
N LEU B 249 0.99 -20.88 -18.12
CA LEU B 249 2.41 -20.72 -18.41
C LEU B 249 3.22 -20.56 -17.12
N ASP B 250 2.59 -20.02 -16.09
CA ASP B 250 3.23 -19.91 -14.78
C ASP B 250 3.54 -21.27 -14.19
N THR B 251 2.51 -22.11 -14.08
CA THR B 251 2.64 -23.43 -13.48
C THR B 251 3.69 -24.29 -14.19
N ILE B 252 3.76 -24.19 -15.51
CA ILE B 252 4.77 -24.92 -16.27
C ILE B 252 6.17 -24.43 -15.93
N TYR B 253 6.33 -23.11 -15.90
CA TYR B 253 7.59 -22.49 -15.52
C TYR B 253 7.99 -22.89 -14.11
N GLU B 254 7.03 -22.87 -13.20
CA GLU B 254 7.27 -23.25 -11.81
C GLU B 254 7.59 -24.74 -11.69
N MET B 255 6.91 -25.55 -12.48
CA MET B 255 7.11 -27.00 -12.44
C MET B 255 8.45 -27.39 -13.04
N ALA B 256 8.86 -26.67 -14.07
CA ALA B 256 10.16 -26.90 -14.71
C ALA B 256 11.29 -26.62 -13.73
N LEU B 257 11.05 -25.71 -12.80
CA LEU B 257 12.03 -25.38 -11.76
C LEU B 257 12.16 -26.52 -10.76
N VAL B 258 11.04 -27.15 -10.45
CA VAL B 258 11.03 -28.28 -9.51
C VAL B 258 11.81 -29.46 -10.07
N CYS B 259 11.70 -29.68 -11.38
CA CYS B 259 12.40 -30.78 -12.03
C CYS B 259 13.91 -30.58 -11.97
N ILE B 260 14.35 -29.33 -12.07
CA ILE B 260 15.75 -29.00 -11.92
C ILE B 260 16.22 -29.31 -10.49
N LYS B 261 15.39 -28.95 -9.52
CA LYS B 261 15.66 -29.20 -8.11
C LYS B 261 15.69 -30.68 -7.78
N LEU B 262 14.97 -31.48 -8.56
CA LEU B 262 14.89 -32.91 -8.32
C LEU B 262 15.82 -33.68 -9.24
N GLU B 263 16.80 -32.98 -9.81
CA GLU B 263 17.78 -33.56 -10.72
C GLU B 263 17.11 -34.26 -11.90
N GLU B 264 16.11 -33.61 -12.48
CA GLU B 264 15.42 -34.14 -13.65
C GLU B 264 15.48 -33.14 -14.80
N LEU B 265 16.67 -32.98 -15.38
CA LEU B 265 16.88 -31.98 -16.43
C LEU B 265 16.13 -32.32 -17.71
N GLU B 266 15.88 -33.60 -17.93
CA GLU B 266 15.16 -34.02 -19.13
C GLU B 266 13.71 -33.58 -19.08
N GLU B 267 13.03 -33.87 -17.98
CA GLU B 267 11.64 -33.46 -17.81
C GLU B 267 11.54 -31.94 -17.73
N ALA B 268 12.58 -31.30 -17.18
CA ALA B 268 12.60 -29.85 -17.07
C ALA B 268 12.61 -29.19 -18.45
N ARG B 269 13.50 -29.66 -19.32
CA ARG B 269 13.63 -29.11 -20.66
C ARG B 269 12.37 -29.33 -21.48
N THR B 270 11.77 -30.50 -21.31
CA THR B 270 10.53 -30.84 -22.00
C THR B 270 9.43 -29.84 -21.65
N LEU B 271 9.27 -29.60 -20.35
CA LEU B 271 8.27 -28.64 -19.87
C LEU B 271 8.56 -27.24 -20.40
N ILE B 272 9.84 -26.87 -20.39
CA ILE B 272 10.27 -25.56 -20.88
C ILE B 272 9.96 -25.41 -22.36
N ASP B 273 10.25 -26.44 -23.14
CA ASP B 273 10.01 -26.41 -24.57
C ASP B 273 8.52 -26.27 -24.88
N LYS B 274 7.69 -26.95 -24.11
CA LYS B 274 6.24 -26.86 -24.28
C LYS B 274 5.73 -25.48 -23.92
N GLY B 275 6.26 -24.92 -22.84
CA GLY B 275 5.91 -23.57 -22.44
C GLY B 275 6.28 -22.58 -23.52
N ILE B 276 7.47 -22.75 -24.11
CA ILE B 276 7.93 -21.88 -25.18
C ILE B 276 7.03 -21.99 -26.41
N ASP B 277 6.75 -23.23 -26.80
CA ASP B 277 5.91 -23.50 -27.96
C ASP B 277 4.49 -22.96 -27.78
N ALA B 278 4.02 -22.95 -26.54
CA ALA B 278 2.67 -22.47 -26.23
C ALA B 278 2.65 -20.96 -26.01
N ALA B 279 3.83 -20.37 -25.86
CA ALA B 279 3.93 -18.93 -25.61
C ALA B 279 4.06 -18.15 -26.91
N LYS B 280 4.61 -18.80 -27.93
CA LYS B 280 4.73 -18.20 -29.26
C LYS B 280 3.37 -18.02 -29.90
N GLN B 281 2.37 -18.71 -29.36
CA GLN B 281 1.02 -18.72 -29.90
C GLN B 281 0.42 -17.32 -29.99
N GLU B 282 0.63 -16.53 -28.94
CA GLU B 282 0.05 -15.18 -28.88
C GLU B 282 1.03 -14.16 -28.33
N GLU B 283 0.80 -12.90 -28.66
CA GLU B 283 1.66 -11.81 -28.21
C GLU B 283 1.24 -11.34 -26.81
N ARG B 284 0.11 -11.85 -26.34
CA ARG B 284 -0.42 -11.49 -25.02
C ARG B 284 0.57 -11.86 -23.92
N PHE B 285 1.14 -13.05 -24.03
CA PHE B 285 2.16 -13.50 -23.08
C PHE B 285 3.52 -13.61 -23.76
N ASN B 286 3.91 -12.54 -24.45
CA ASN B 286 5.21 -12.46 -25.08
C ASN B 286 6.30 -12.31 -24.02
N ALA B 287 5.92 -11.74 -22.87
CA ALA B 287 6.85 -11.55 -21.76
C ALA B 287 7.22 -12.90 -21.15
N LYS B 288 6.21 -13.73 -20.93
CA LYS B 288 6.39 -15.07 -20.38
C LYS B 288 7.28 -15.94 -21.28
N LEU B 289 7.23 -15.66 -22.58
CA LEU B 289 8.00 -16.39 -23.58
C LEU B 289 9.50 -16.35 -23.27
N TYR B 290 9.99 -15.15 -23.00
CA TYR B 290 11.42 -14.95 -22.78
C TYR B 290 11.87 -15.41 -21.39
N LEU B 291 10.91 -15.51 -20.46
CA LEU B 291 11.21 -16.06 -19.14
C LEU B 291 11.61 -17.52 -19.27
N LEU B 292 10.97 -18.23 -20.18
CA LEU B 292 11.24 -19.65 -20.42
C LEU B 292 12.52 -19.85 -21.21
N LEU B 293 12.80 -18.91 -22.11
CA LEU B 293 14.04 -18.93 -22.87
C LEU B 293 15.24 -18.75 -21.97
N MET B 294 15.16 -17.76 -21.08
CA MET B 294 16.20 -17.50 -20.11
C MET B 294 16.47 -18.74 -19.26
N LEU B 295 15.40 -19.46 -18.94
CA LEU B 295 15.51 -20.66 -18.14
C LEU B 295 16.24 -21.77 -18.91
N ARG B 296 16.08 -21.79 -20.22
CA ARG B 296 16.73 -22.81 -21.04
C ARG B 296 18.21 -22.50 -21.24
N TYR B 297 18.52 -21.22 -21.44
CA TYR B 297 19.91 -20.79 -21.59
C TYR B 297 20.68 -20.98 -20.29
N LYS B 298 19.97 -20.82 -19.17
CA LYS B 298 20.59 -20.88 -17.86
C LYS B 298 21.04 -22.29 -17.49
N TYR B 299 20.27 -23.29 -17.91
CA TYR B 299 20.51 -24.66 -17.48
C TYR B 299 20.89 -25.62 -18.61
N PHE B 300 20.58 -25.26 -19.85
CA PHE B 300 20.83 -26.16 -20.97
C PHE B 300 21.70 -25.54 -22.05
N GLU B 301 22.29 -24.39 -21.75
CA GLU B 301 23.21 -23.73 -22.66
C GLU B 301 24.43 -23.21 -21.92
N GLU B 302 25.48 -22.87 -22.66
CA GLU B 302 26.68 -22.31 -22.07
C GLU B 302 26.38 -21.00 -21.36
N ALA B 303 27.03 -20.77 -20.23
CA ALA B 303 26.86 -19.51 -19.50
C ALA B 303 27.32 -18.34 -20.36
N LYS B 304 28.26 -18.62 -21.27
CA LYS B 304 28.74 -17.63 -22.21
C LYS B 304 27.62 -17.16 -23.13
N ASP B 305 26.74 -18.09 -23.51
CA ASP B 305 25.61 -17.79 -24.38
C ASP B 305 24.41 -17.28 -23.58
N TYR B 306 24.30 -17.72 -22.32
CA TYR B 306 23.25 -17.26 -21.43
C TYR B 306 23.38 -15.77 -21.17
N LYS B 307 24.62 -15.33 -20.98
CA LYS B 307 24.92 -13.91 -20.81
C LYS B 307 24.60 -13.15 -22.09
N ALA B 308 24.92 -13.78 -23.22
CA ALA B 308 24.70 -13.17 -24.54
C ALA B 308 23.22 -12.95 -24.80
N PHE B 309 22.41 -13.94 -24.47
CA PHE B 309 20.97 -13.83 -24.65
C PHE B 309 20.38 -12.78 -23.71
N LEU B 310 20.94 -12.67 -22.52
CA LEU B 310 20.45 -11.71 -21.54
C LEU B 310 20.76 -10.29 -21.96
N GLU B 311 21.94 -10.07 -22.50
CA GLU B 311 22.38 -8.72 -22.88
C GLU B 311 21.78 -8.25 -24.21
N ASN B 312 21.79 -9.14 -25.20
CA ASN B 312 21.45 -8.75 -26.57
C ASN B 312 20.00 -9.05 -26.95
N GLU B 313 19.31 -9.86 -26.15
CA GLU B 313 17.94 -10.24 -26.47
C GLU B 313 16.95 -9.89 -25.35
N ALA B 314 17.29 -10.27 -24.13
CA ALA B 314 16.39 -10.08 -22.99
C ALA B 314 16.18 -8.61 -22.66
N ILE B 315 17.26 -7.93 -22.27
CA ILE B 315 17.22 -6.52 -21.91
C ILE B 315 16.54 -5.62 -22.96
N PRO B 316 16.92 -5.75 -24.25
CA PRO B 316 16.26 -4.86 -25.20
C PRO B 316 14.77 -5.16 -25.38
N LEU B 317 14.34 -6.38 -25.07
CA LEU B 317 12.93 -6.71 -25.18
C LEU B 317 12.10 -5.99 -24.12
N TYR B 318 12.63 -5.95 -22.90
CA TYR B 318 11.91 -5.34 -21.78
C TYR B 318 12.05 -3.82 -21.77
N LYS B 319 12.39 -3.25 -22.92
CA LYS B 319 12.30 -1.81 -23.12
C LYS B 319 10.83 -1.45 -23.28
N SER B 320 10.03 -2.44 -23.61
CA SER B 320 8.59 -2.27 -23.80
C SER B 320 7.81 -2.68 -22.56
N ALA B 321 7.81 -1.80 -21.55
CA ALA B 321 7.03 -2.00 -20.33
C ALA B 321 7.38 -3.30 -19.61
N GLY B 322 8.67 -3.60 -19.50
CA GLY B 322 9.12 -4.74 -18.72
C GLY B 322 9.50 -4.26 -17.33
N ASN B 323 9.03 -3.06 -16.99
CA ASN B 323 9.42 -2.35 -15.78
C ASN B 323 9.35 -3.16 -14.49
N LYS B 324 8.47 -4.16 -14.47
CA LYS B 324 8.30 -4.97 -13.27
C LYS B 324 9.46 -5.93 -13.05
N ILE B 325 9.20 -7.00 -12.32
CA ILE B 325 10.21 -7.96 -11.92
C ILE B 325 11.01 -8.50 -13.11
N GLU B 326 10.38 -8.56 -14.27
CA GLU B 326 11.00 -9.11 -15.47
C GLU B 326 12.33 -8.46 -15.83
N LEU B 327 12.36 -7.13 -15.91
CA LEU B 327 13.59 -6.44 -16.22
C LEU B 327 14.57 -6.51 -15.05
N LYS B 328 14.03 -6.42 -13.84
CA LYS B 328 14.84 -6.57 -12.63
C LYS B 328 15.49 -7.94 -12.58
N LYS B 329 14.72 -8.95 -12.97
CA LYS B 329 15.20 -10.34 -13.02
C LYS B 329 16.41 -10.48 -13.93
N VAL B 330 16.34 -9.88 -15.13
CA VAL B 330 17.43 -9.96 -16.09
C VAL B 330 18.69 -9.28 -15.56
N TYR B 331 18.50 -8.19 -14.83
CA TYR B 331 19.63 -7.45 -14.27
C TYR B 331 20.31 -8.23 -13.15
N VAL B 332 19.50 -8.81 -12.25
CA VAL B 332 20.03 -9.59 -11.14
C VAL B 332 20.78 -10.82 -11.64
N GLU B 333 20.19 -11.53 -12.61
CA GLU B 333 20.82 -12.71 -13.18
C GLU B 333 22.20 -12.40 -13.75
N LEU B 334 22.30 -11.29 -14.49
CA LEU B 334 23.57 -10.85 -15.04
C LEU B 334 24.52 -10.45 -13.91
N ALA B 335 23.99 -9.79 -12.89
CA ALA B 335 24.78 -9.41 -11.73
C ALA B 335 25.34 -10.65 -11.03
N GLU B 336 24.49 -11.64 -10.82
CA GLU B 336 24.90 -12.89 -10.19
C GLU B 336 25.88 -13.65 -11.09
N HIS B 337 25.75 -13.46 -12.40
CA HIS B 337 26.60 -14.15 -13.35
C HIS B 337 28.05 -13.70 -13.24
N PHE B 338 28.25 -12.39 -13.20
CA PHE B 338 29.60 -11.84 -13.14
C PHE B 338 30.24 -12.05 -11.78
N SER B 339 29.45 -11.93 -10.72
CA SER B 339 29.96 -12.10 -9.36
C SER B 339 30.31 -13.56 -9.10
N SER B 340 29.73 -14.46 -9.89
CA SER B 340 30.05 -15.87 -9.81
C SER B 340 31.41 -16.16 -10.42
N LEU B 341 31.72 -15.42 -11.48
CA LEU B 341 33.02 -15.53 -12.15
C LEU B 341 34.04 -14.60 -11.51
N SER B 342 33.70 -14.11 -10.32
CA SER B 342 34.53 -13.17 -9.55
C SER B 342 34.88 -11.91 -10.35
N ARG B 343 34.05 -11.58 -11.34
CA ARG B 343 34.19 -10.35 -12.10
C ARG B 343 33.23 -9.30 -11.55
N PHE B 344 33.55 -8.79 -10.36
CA PHE B 344 32.61 -7.98 -9.57
C PHE B 344 32.35 -6.59 -10.12
N GLU B 345 33.20 -6.11 -11.03
CA GLU B 345 33.01 -4.78 -11.58
C GLU B 345 31.74 -4.70 -12.44
N GLU B 346 31.64 -5.60 -13.41
CA GLU B 346 30.45 -5.67 -14.26
C GLU B 346 29.23 -6.06 -13.43
N SER B 347 29.49 -6.79 -12.35
CA SER B 347 28.43 -7.20 -11.43
C SER B 347 27.86 -5.99 -10.72
N ASN B 348 28.73 -5.09 -10.27
CA ASN B 348 28.31 -3.85 -9.64
C ASN B 348 27.47 -2.99 -10.57
N ARG B 349 27.92 -2.90 -11.82
CA ARG B 349 27.24 -2.13 -12.85
C ARG B 349 25.76 -2.53 -12.96
N TYR B 350 25.52 -3.82 -13.13
CA TYR B 350 24.16 -4.33 -13.24
C TYR B 350 23.42 -4.22 -11.91
N TYR B 351 24.13 -4.35 -10.81
CA TYR B 351 23.52 -4.24 -9.49
C TYR B 351 22.99 -2.83 -9.25
N ARG B 352 23.73 -1.82 -9.72
CA ARG B 352 23.30 -0.44 -9.58
C ARG B 352 22.04 -0.20 -10.40
N LEU B 353 21.95 -0.84 -11.55
CA LEU B 353 20.79 -0.70 -12.43
C LEU B 353 19.53 -1.23 -11.77
N VAL B 354 19.68 -2.22 -10.90
CA VAL B 354 18.55 -2.79 -10.19
C VAL B 354 17.97 -1.77 -9.22
N ILE B 355 18.85 -1.01 -8.57
CA ILE B 355 18.45 0.00 -7.61
C ILE B 355 17.72 1.16 -8.29
N ASP B 356 18.25 1.59 -9.44
CA ASP B 356 17.65 2.69 -10.19
C ASP B 356 16.25 2.30 -10.67
N LEU B 357 16.06 1.03 -10.96
CA LEU B 357 14.79 0.54 -11.48
C LEU B 357 13.72 0.51 -10.38
N MET B 358 14.13 0.15 -9.16
CA MET B 358 13.21 0.11 -8.03
C MET B 358 13.14 1.43 -7.28
N ASN B 359 13.11 2.53 -8.04
CA ASN B 359 13.05 3.87 -7.44
C ASN B 359 11.70 4.16 -6.79
#